data_5ZVC
#
_entry.id   5ZVC
#
_cell.length_a   67.230
_cell.length_b   82.618
_cell.length_c   116.142
_cell.angle_alpha   90.00
_cell.angle_beta   90.00
_cell.angle_gamma   90.00
#
_symmetry.space_group_name_H-M   'P 21 21 21'
#
loop_
_entity.id
_entity.type
_entity.pdbx_description
1 polymer 'Major capsid protein VP1'
2 branched beta-D-galactopyranose-(1-3)-[alpha-L-fucopyranose-(1-4)]2-acetamido-2-deoxy-beta-D-glucopyranose
3 non-polymer GLYCEROL
4 water water
#
_entity_poly.entity_id   1
_entity_poly.type   'polypeptide(L)'
_entity_poly.pdbx_seq_one_letter_code
;SKTKPFTLPILTISELTNSRFPIPIEQLYTAPNENNVVQCQNGRCTLDGELQGTTQLLSSAVCSYRGRTVANSGDNWDQN
LLQLTYPSGASYDPTDEVPAPLGTQDFRGILYGVLTQDNVSEGTGEAKNAKGVYISTTSGKFTPKIGSIGLHSITENVHP
NQQSRFTPVGVAQNENTPFQQWVLPHYAGALALNTNLAPAVAPTFPGEQLLFFRSRVPCVQGLRGQDAFIDCLLPQEWVN
HFYQEAAPSQADVALIRYVNPDTGRTLFEAKLHRSGFITVSHTGAYPLVVPPNGHFRFDSWVNQFYSLAPMGTGNGR
;
_entity_poly.pdbx_strand_id   A,B
#
loop_
_chem_comp.id
_chem_comp.type
_chem_comp.name
_chem_comp.formula
FUC L-saccharide, alpha linking alpha-L-fucopyranose 'C6 H12 O5'
GAL D-saccharide, beta linking beta-D-galactopyranose 'C6 H12 O6'
GOL non-polymer GLYCEROL 'C3 H8 O3'
NAG D-saccharide, beta linking 2-acetamido-2-deoxy-beta-D-glucopyranose 'C8 H15 N O6'
#
# COMPACT_ATOMS: atom_id res chain seq x y z
N LYS A 4 17.43 14.90 -20.02
CA LYS A 4 16.07 14.71 -19.42
C LYS A 4 15.89 15.56 -18.16
N PRO A 5 14.91 16.49 -18.15
CA PRO A 5 14.74 17.34 -16.98
C PRO A 5 14.27 16.59 -15.74
N PHE A 6 14.79 16.99 -14.58
CA PHE A 6 14.35 16.44 -13.30
C PHE A 6 13.02 17.09 -12.91
N THR A 7 12.12 16.29 -12.34
CA THR A 7 10.81 16.78 -11.87
C THR A 7 10.41 16.05 -10.60
N LEU A 8 9.49 16.65 -9.85
CA LEU A 8 8.82 15.98 -8.74
C LEU A 8 7.40 15.65 -9.18
N PRO A 9 6.80 14.59 -8.60
CA PRO A 9 5.37 14.43 -8.81
C PRO A 9 4.61 15.58 -8.14
N ILE A 10 3.42 15.90 -8.67
CA ILE A 10 2.55 16.92 -8.10
C ILE A 10 1.56 16.23 -7.19
N LEU A 11 1.87 16.24 -5.90
CA LEU A 11 1.08 15.50 -4.92
C LEU A 11 1.02 16.29 -3.64
N THR A 12 -0.18 16.44 -3.08
CA THR A 12 -0.35 17.15 -1.83
C THR A 12 0.03 16.24 -0.67
N ILE A 13 0.10 16.81 0.52
CA ILE A 13 0.49 16.10 1.72
C ILE A 13 -0.38 14.86 1.96
N SER A 14 -1.67 14.93 1.62
CA SER A 14 -2.61 13.80 1.79
C SER A 14 -2.59 12.78 0.63
N GLU A 15 -1.73 13.01 -0.35
CA GLU A 15 -1.57 12.10 -1.48
C GLU A 15 -0.18 11.46 -1.48
N LEU A 16 0.43 11.37 -0.30
CA LEU A 16 1.76 10.77 -0.16
C LEU A 16 1.75 9.63 0.83
N THR A 17 2.57 8.62 0.55
CA THR A 17 2.67 7.43 1.38
C THR A 17 4.04 7.35 2.04
N ASN A 18 4.03 7.05 3.33
CA ASN A 18 5.26 6.78 4.04
C ASN A 18 6.01 5.63 3.37
N SER A 19 7.31 5.80 3.16
CA SER A 19 8.12 4.75 2.53
C SER A 19 8.65 3.72 3.52
N ARG A 20 8.43 3.94 4.82
CA ARG A 20 8.94 3.04 5.86
C ARG A 20 7.82 2.22 6.53
N PHE A 21 6.57 2.59 6.29
CA PHE A 21 5.41 1.83 6.78
C PHE A 21 4.22 2.17 5.89
N PRO A 22 3.37 1.19 5.56
CA PRO A 22 2.32 1.46 4.54
C PRO A 22 1.12 2.25 5.07
N ILE A 23 1.35 3.54 5.32
CA ILE A 23 0.33 4.47 5.79
C ILE A 23 0.61 5.84 5.17
N PRO A 24 -0.42 6.72 5.12
CA PRO A 24 -0.19 8.05 4.55
C PRO A 24 0.75 8.92 5.38
N ILE A 25 1.48 9.78 4.69
CA ILE A 25 2.16 10.90 5.32
C ILE A 25 1.11 11.83 5.91
N GLU A 26 1.34 12.30 7.14
CA GLU A 26 0.44 13.21 7.83
C GLU A 26 0.97 14.64 7.92
N GLN A 27 2.29 14.81 7.99
CA GLN A 27 2.86 16.15 8.10
C GLN A 27 4.34 16.15 7.75
N LEU A 28 4.87 17.36 7.52
CA LEU A 28 6.30 17.57 7.39
C LEU A 28 6.84 18.03 8.74
N TYR A 29 8.02 17.57 9.08
CA TYR A 29 8.60 17.80 10.40
C TYR A 29 10.10 17.94 10.29
N THR A 30 10.65 18.96 10.95
CA THR A 30 12.10 19.13 10.99
C THR A 30 12.58 19.08 12.44
N ALA A 31 13.77 18.54 12.63
CA ALA A 31 14.40 18.49 13.93
C ALA A 31 15.90 18.25 13.77
N PRO A 32 16.70 18.69 14.75
CA PRO A 32 18.12 18.35 14.72
C PRO A 32 18.32 16.85 14.94
N ASN A 33 19.40 16.31 14.40
CA ASN A 33 19.72 14.90 14.59
C ASN A 33 19.93 14.53 16.07
N GLU A 34 20.55 15.42 16.83
CA GLU A 34 20.88 15.15 18.23
C GLU A 34 21.70 13.84 18.25
N ASN A 35 21.30 12.85 19.06
CA ASN A 35 22.02 11.57 19.11
C ASN A 35 21.47 10.49 18.19
N ASN A 36 20.52 10.85 17.33
CA ASN A 36 19.99 9.90 16.34
C ASN A 36 20.94 9.78 15.17
N VAL A 37 21.21 8.54 14.77
CA VAL A 37 21.88 8.29 13.51
C VAL A 37 20.77 8.02 12.49
N VAL A 38 20.60 8.93 11.54
CA VAL A 38 19.50 8.86 10.57
C VAL A 38 19.94 8.03 9.37
N GLN A 39 19.65 6.74 9.44
CA GLN A 39 20.12 5.78 8.45
C GLN A 39 19.06 4.72 8.14
N CYS A 40 17.82 5.16 7.93
CA CYS A 40 16.76 4.25 7.53
C CYS A 40 17.09 3.64 6.17
N GLN A 41 16.54 2.44 5.94
CA GLN A 41 16.89 1.63 4.79
C GLN A 41 15.77 1.50 3.76
N ASN A 42 14.54 1.74 4.21
CA ASN A 42 13.41 1.87 3.31
C ASN A 42 13.21 3.35 2.95
N GLY A 43 12.72 3.60 1.73
CA GLY A 43 12.56 4.95 1.22
C GLY A 43 13.87 5.63 0.89
N ARG A 44 14.84 4.84 0.42
CA ARG A 44 16.15 5.37 0.03
C ARG A 44 16.35 5.25 -1.47
N CYS A 45 16.56 6.40 -2.11
CA CYS A 45 16.68 6.48 -3.56
C CYS A 45 17.39 7.77 -3.93
N THR A 46 18.33 7.69 -4.86
CA THR A 46 19.00 8.89 -5.37
C THR A 46 18.07 9.62 -6.32
N LEU A 47 18.34 10.89 -6.57
CA LEU A 47 17.50 11.69 -7.47
C LEU A 47 17.55 11.19 -8.91
N ASP A 48 18.62 10.51 -9.31
CA ASP A 48 18.66 9.91 -10.64
C ASP A 48 18.13 8.48 -10.70
N GLY A 49 17.50 8.02 -9.61
CA GLY A 49 16.69 6.80 -9.64
C GLY A 49 17.34 5.50 -9.21
N GLU A 50 18.40 5.58 -8.41
CA GLU A 50 19.09 4.39 -7.90
C GLU A 50 18.54 4.04 -6.51
N LEU A 51 17.82 2.93 -6.41
CA LEU A 51 17.29 2.46 -5.13
C LEU A 51 18.43 1.99 -4.24
N GLN A 52 18.31 2.22 -2.93
CA GLN A 52 19.33 1.81 -1.96
C GLN A 52 18.72 1.07 -0.77
N GLY A 53 19.59 0.46 0.03
CA GLY A 53 19.19 -0.24 1.24
C GLY A 53 18.25 -1.40 0.95
N THR A 54 17.12 -1.44 1.63
CA THR A 54 16.10 -2.47 1.41
C THR A 54 14.92 -1.92 0.60
N THR A 55 15.15 -0.82 -0.13
CA THR A 55 14.07 -0.12 -0.81
C THR A 55 13.62 -0.82 -2.09
N GLN A 56 12.31 -0.97 -2.21
CA GLN A 56 11.67 -1.43 -3.43
C GLN A 56 10.47 -0.53 -3.70
N LEU A 57 9.68 -0.84 -4.73
CA LEU A 57 8.68 0.12 -5.24
C LEU A 57 7.29 0.05 -4.62
N LEU A 58 6.94 -1.06 -3.98
CA LEU A 58 5.56 -1.27 -3.53
C LEU A 58 5.35 -1.01 -2.04
N SER A 59 4.45 -0.09 -1.72
CA SER A 59 4.04 0.12 -0.34
C SER A 59 3.52 -1.16 0.32
N SER A 60 2.85 -2.00 -0.46
CA SER A 60 2.32 -3.27 0.05
C SER A 60 3.39 -4.30 0.43
N ALA A 61 4.64 -4.02 0.10
CA ALA A 61 5.76 -4.86 0.48
C ALA A 61 6.51 -4.34 1.72
N VAL A 62 6.25 -3.09 2.13
CA VAL A 62 7.02 -2.48 3.22
C VAL A 62 6.54 -3.03 4.57
N CYS A 63 7.47 -3.61 5.32
CA CYS A 63 7.15 -4.31 6.57
C CYS A 63 6.22 -5.52 6.36
N SER A 64 6.18 -6.06 5.14
CA SER A 64 5.49 -7.30 4.89
C SER A 64 6.55 -8.38 4.70
N TYR A 65 6.17 -9.61 5.01
CA TYR A 65 7.05 -10.76 4.81
C TYR A 65 6.26 -11.89 4.19
N ARG A 66 6.94 -12.70 3.39
CA ARG A 66 6.37 -13.89 2.80
C ARG A 66 7.35 -15.03 2.90
N GLY A 67 6.83 -16.24 3.00
CA GLY A 67 7.67 -17.42 3.03
C GLY A 67 6.92 -18.65 3.47
N ARG A 68 7.67 -19.62 3.98
CA ARG A 68 7.10 -20.84 4.49
C ARG A 68 7.44 -20.92 5.98
N THR A 69 6.45 -21.30 6.79
CA THR A 69 6.68 -21.41 8.22
C THR A 69 7.41 -22.71 8.54
N VAL A 70 8.18 -22.68 9.62
CA VAL A 70 8.76 -23.89 10.19
C VAL A 70 8.59 -23.86 11.70
N ALA A 71 8.31 -25.02 12.29
CA ALA A 71 8.09 -25.08 13.73
C ALA A 71 9.36 -24.70 14.47
N ASN A 72 9.19 -24.03 15.60
CA ASN A 72 10.29 -23.72 16.47
C ASN A 72 9.85 -24.18 17.86
N SER A 73 9.69 -25.49 18.01
CA SER A 73 9.07 -26.03 19.21
C SER A 73 9.92 -25.76 20.47
N GLY A 74 9.24 -25.47 21.57
CA GLY A 74 9.87 -25.17 22.86
C GLY A 74 10.32 -23.74 23.12
N ASP A 75 10.25 -22.88 22.11
CA ASP A 75 10.57 -21.47 22.28
C ASP A 75 9.25 -20.83 22.63
N ASN A 76 9.22 -20.21 23.81
CA ASN A 76 7.99 -19.61 24.32
C ASN A 76 7.66 -18.24 23.71
N TRP A 77 8.62 -17.66 22.99
CA TRP A 77 8.36 -16.41 22.26
C TRP A 77 8.09 -16.72 20.79
N ASP A 78 9.13 -17.09 20.06
CA ASP A 78 8.98 -17.42 18.65
C ASP A 78 8.64 -18.90 18.49
N GLN A 79 7.36 -19.23 18.45
CA GLN A 79 6.93 -20.63 18.39
C GLN A 79 7.10 -21.21 17.00
N ASN A 80 7.21 -20.31 16.02
CA ASN A 80 7.51 -20.69 14.64
C ASN A 80 8.46 -19.66 14.03
N LEU A 81 9.12 -20.07 12.96
CA LEU A 81 9.92 -19.15 12.15
C LEU A 81 9.29 -19.02 10.78
N LEU A 82 9.65 -17.97 10.07
CA LEU A 82 9.24 -17.78 8.68
C LEU A 82 10.48 -17.78 7.81
N GLN A 83 10.56 -18.78 6.92
CA GLN A 83 11.64 -18.91 5.97
C GLN A 83 11.30 -18.02 4.78
N LEU A 84 12.07 -16.94 4.59
CA LEU A 84 11.64 -15.83 3.74
C LEU A 84 11.92 -15.98 2.25
N THR A 85 11.04 -15.40 1.45
CA THR A 85 11.35 -15.03 0.08
C THR A 85 11.37 -13.49 0.03
N TYR A 86 11.61 -12.92 -1.15
CA TYR A 86 11.33 -11.50 -1.34
C TYR A 86 9.80 -11.32 -1.27
N PRO A 87 9.32 -10.12 -0.90
CA PRO A 87 7.87 -9.90 -0.80
C PRO A 87 7.15 -10.16 -2.13
N SER A 88 7.86 -10.02 -3.24
CA SER A 88 7.30 -10.36 -4.55
C SER A 88 7.00 -11.85 -4.71
N GLY A 89 7.63 -12.69 -3.89
CA GLY A 89 7.55 -14.14 -4.02
C GLY A 89 8.83 -14.72 -4.61
N ALA A 90 9.66 -13.87 -5.21
CA ALA A 90 10.95 -14.28 -5.78
C ALA A 90 11.86 -14.88 -4.71
N SER A 91 12.61 -15.91 -5.08
CA SER A 91 13.49 -16.59 -4.12
C SER A 91 14.55 -15.65 -3.57
N TYR A 92 14.87 -15.81 -2.29
CA TYR A 92 15.83 -14.97 -1.60
C TYR A 92 17.06 -15.80 -1.20
N ASP A 93 18.25 -15.23 -1.45
CA ASP A 93 19.48 -15.82 -0.95
C ASP A 93 20.27 -14.82 -0.13
N PRO A 94 20.80 -15.29 1.02
CA PRO A 94 21.58 -14.42 1.88
C PRO A 94 22.79 -13.75 1.20
N THR A 95 23.27 -14.33 0.10
CA THR A 95 24.38 -13.73 -0.65
C THR A 95 23.94 -12.56 -1.55
N ASP A 96 22.64 -12.34 -1.71
CA ASP A 96 22.16 -11.16 -2.44
C ASP A 96 22.71 -9.89 -1.79
N GLU A 97 23.10 -8.92 -2.61
CA GLU A 97 23.77 -7.73 -2.11
C GLU A 97 22.75 -6.71 -1.59
N VAL A 98 22.10 -7.09 -0.49
CA VAL A 98 21.09 -6.29 0.18
C VAL A 98 21.29 -6.47 1.70
N PRO A 99 20.84 -5.49 2.50
CA PRO A 99 20.92 -5.67 3.96
C PRO A 99 20.01 -6.79 4.47
N ALA A 100 18.91 -7.02 3.76
CA ALA A 100 17.88 -7.99 4.11
C ALA A 100 16.93 -8.05 2.93
N PRO A 101 15.96 -8.97 2.93
CA PRO A 101 15.00 -8.93 1.83
C PRO A 101 14.35 -7.55 1.72
N LEU A 102 14.11 -7.10 0.48
CA LEU A 102 13.56 -5.77 0.25
C LEU A 102 12.24 -5.63 1.03
N GLY A 103 12.04 -4.46 1.64
CA GLY A 103 10.86 -4.20 2.46
C GLY A 103 10.95 -4.57 3.93
N THR A 104 12.00 -5.30 4.32
CA THR A 104 12.22 -5.65 5.71
C THR A 104 12.17 -4.41 6.59
N GLN A 105 11.59 -4.54 7.78
CA GLN A 105 11.48 -3.42 8.71
C GLN A 105 12.87 -2.86 9.00
N ASP A 106 12.97 -1.54 9.11
CA ASP A 106 14.26 -0.87 9.33
C ASP A 106 14.31 -0.12 10.66
N PHE A 107 13.54 -0.62 11.63
CA PHE A 107 13.54 -0.06 12.97
C PHE A 107 13.63 -1.17 14.00
N ARG A 108 14.22 -0.83 15.14
CA ARG A 108 14.35 -1.74 16.25
C ARG A 108 13.06 -1.76 17.06
N GLY A 109 12.64 -2.95 17.46
CA GLY A 109 11.45 -3.13 18.28
C GLY A 109 10.50 -4.17 17.73
N ILE A 110 9.21 -4.01 18.04
CA ILE A 110 8.20 -5.00 17.70
C ILE A 110 7.28 -4.50 16.61
N LEU A 111 7.23 -5.29 15.53
CA LEU A 111 6.28 -5.11 14.45
C LEU A 111 5.10 -6.06 14.68
N TYR A 112 3.88 -5.53 14.60
CA TYR A 112 2.68 -6.34 14.78
C TYR A 112 1.92 -6.44 13.47
N GLY A 113 1.37 -7.61 13.22
CA GLY A 113 0.52 -7.81 12.06
C GLY A 113 -0.14 -9.17 12.07
N VAL A 114 -0.70 -9.54 10.92
CA VAL A 114 -1.48 -10.74 10.80
C VAL A 114 -0.90 -11.68 9.76
N LEU A 115 -0.62 -12.91 10.20
CA LEU A 115 -0.18 -13.97 9.32
C LEU A 115 -1.39 -14.71 8.77
N THR A 116 -1.39 -14.94 7.45
CA THR A 116 -2.40 -15.78 6.82
C THR A 116 -1.70 -16.95 6.12
N GLN A 117 -2.35 -18.11 6.13
CA GLN A 117 -1.74 -19.36 5.65
C GLN A 117 -2.75 -20.13 4.78
N ASP A 118 -2.71 -21.47 4.81
CA ASP A 118 -3.66 -22.28 4.03
C ASP A 118 -5.09 -21.96 4.42
N ASN A 119 -5.96 -21.81 3.42
CA ASN A 119 -7.38 -21.57 3.68
C ASN A 119 -7.97 -22.75 4.43
N VAL A 120 -8.91 -22.43 5.32
CA VAL A 120 -9.60 -23.44 6.13
C VAL A 120 -11.08 -23.43 5.81
N SER A 121 -11.77 -24.51 6.12
CA SER A 121 -13.19 -24.62 5.83
C SER A 121 -13.99 -23.57 6.58
N GLU A 122 -15.15 -23.23 6.03
CA GLU A 122 -16.06 -22.26 6.64
C GLU A 122 -16.40 -22.67 8.08
N GLY A 123 -16.61 -23.96 8.29
CA GLY A 123 -16.98 -24.49 9.60
C GLY A 123 -15.91 -24.47 10.68
N THR A 124 -14.67 -24.18 10.31
CA THR A 124 -13.57 -24.09 11.28
C THR A 124 -13.79 -22.92 12.24
N GLY A 125 -14.44 -21.86 11.76
CA GLY A 125 -14.82 -20.74 12.62
C GLY A 125 -14.31 -19.42 12.09
N GLU A 126 -14.56 -18.37 12.85
CA GLU A 126 -14.28 -17.01 12.40
C GLU A 126 -12.78 -16.69 12.48
N ALA A 127 -12.25 -16.21 11.36
CA ALA A 127 -10.88 -15.74 11.25
C ALA A 127 -9.84 -16.73 11.80
N LYS A 128 -10.07 -18.02 11.56
CA LYS A 128 -9.16 -19.04 12.05
C LYS A 128 -7.89 -19.13 11.21
N ASN A 129 -7.94 -18.61 9.97
CA ASN A 129 -6.74 -18.45 9.16
C ASN A 129 -6.21 -17.00 9.22
N ALA A 130 -6.22 -16.42 10.41
CA ALA A 130 -5.64 -15.13 10.70
C ALA A 130 -4.94 -15.27 12.04
N LYS A 131 -3.63 -15.09 12.05
CA LYS A 131 -2.83 -15.24 13.25
C LYS A 131 -2.16 -13.91 13.57
N GLY A 132 -2.57 -13.28 14.67
CA GLY A 132 -1.89 -12.10 15.16
C GLY A 132 -0.51 -12.48 15.66
N VAL A 133 0.53 -11.78 15.18
CA VAL A 133 1.89 -12.09 15.58
C VAL A 133 2.73 -10.84 15.82
N TYR A 134 3.71 -11.01 16.71
CA TYR A 134 4.77 -10.03 16.94
C TYR A 134 6.05 -10.51 16.28
N ILE A 135 6.69 -9.62 15.53
CA ILE A 135 8.03 -9.86 14.98
C ILE A 135 8.97 -8.87 15.67
N SER A 136 9.73 -9.35 16.65
CA SER A 136 10.61 -8.51 17.43
C SER A 136 12.04 -8.60 16.94
N THR A 137 12.69 -7.46 16.73
CA THR A 137 14.09 -7.44 16.27
C THR A 137 15.06 -7.82 17.38
N THR A 138 14.63 -7.72 18.63
CA THR A 138 15.49 -8.09 19.77
C THR A 138 15.50 -9.60 20.04
N SER A 139 14.63 -10.35 19.34
CA SER A 139 14.70 -11.80 19.35
C SER A 139 15.95 -12.28 18.62
N GLY A 140 16.59 -13.30 19.17
CA GLY A 140 17.70 -13.97 18.48
C GLY A 140 17.28 -14.63 17.18
N LYS A 141 15.98 -14.80 16.97
CA LYS A 141 15.47 -15.34 15.72
C LYS A 141 15.22 -14.28 14.63
N PHE A 142 15.44 -12.99 14.93
CA PHE A 142 15.30 -11.99 13.88
C PHE A 142 16.57 -11.89 13.04
N THR A 143 16.61 -12.68 11.96
CA THR A 143 17.78 -12.77 11.10
C THR A 143 17.35 -12.75 9.63
N PRO A 144 16.63 -11.70 9.22
CA PRO A 144 16.14 -11.67 7.83
C PRO A 144 17.23 -11.76 6.75
N LYS A 145 18.42 -11.22 7.04
CA LYS A 145 19.55 -11.32 6.09
C LYS A 145 19.85 -12.77 5.76
N ILE A 146 19.76 -13.65 6.75
CA ILE A 146 20.05 -15.08 6.53
C ILE A 146 18.78 -15.86 6.13
N GLY A 147 17.67 -15.13 5.99
CA GLY A 147 16.47 -15.67 5.35
C GLY A 147 15.42 -16.20 6.31
N SER A 148 15.47 -15.78 7.56
CA SER A 148 14.58 -16.31 8.58
C SER A 148 14.25 -15.29 9.67
N ILE A 149 12.98 -15.23 10.05
CA ILE A 149 12.55 -14.39 11.17
C ILE A 149 11.66 -15.18 12.12
N GLY A 150 11.62 -14.73 13.37
CA GLY A 150 10.79 -15.36 14.38
C GLY A 150 9.40 -14.77 14.43
N LEU A 151 8.40 -15.65 14.58
CA LEU A 151 7.01 -15.22 14.75
C LEU A 151 6.52 -15.56 16.15
N HIS A 152 6.13 -14.53 16.90
CA HIS A 152 5.51 -14.74 18.19
C HIS A 152 3.99 -14.62 18.08
N SER A 153 3.31 -15.76 18.16
CA SER A 153 1.85 -15.82 18.12
C SER A 153 1.21 -15.21 19.35
N ILE A 154 0.22 -14.35 19.13
CA ILE A 154 -0.42 -13.70 20.26
C ILE A 154 -1.44 -14.66 20.87
N THR A 155 -2.30 -15.24 20.04
CA THR A 155 -3.21 -16.30 20.52
C THR A 155 -3.49 -17.45 19.53
N GLU A 156 -3.91 -17.17 18.29
CA GLU A 156 -4.23 -18.24 17.33
C GLU A 156 -2.95 -18.99 16.96
N ASN A 157 -3.09 -20.26 16.64
CA ASN A 157 -1.95 -21.14 16.40
C ASN A 157 -1.45 -21.03 14.96
N VAL A 158 -0.16 -20.75 14.81
CA VAL A 158 0.49 -20.74 13.50
C VAL A 158 0.93 -22.16 13.14
N HIS A 159 0.52 -22.61 11.97
CA HIS A 159 0.87 -23.92 11.44
C HIS A 159 2.23 -23.92 10.79
N PRO A 160 3.06 -24.94 11.10
CA PRO A 160 4.31 -25.07 10.37
C PRO A 160 4.07 -25.59 8.95
N ASN A 161 5.04 -25.40 8.08
CA ASN A 161 5.03 -26.02 6.76
C ASN A 161 3.88 -25.52 5.88
N GLN A 162 3.53 -24.24 5.99
CA GLN A 162 2.54 -23.66 5.10
C GLN A 162 3.06 -22.36 4.50
N GLN A 163 2.74 -22.14 3.23
CA GLN A 163 3.03 -20.88 2.55
C GLN A 163 2.23 -19.80 3.25
N SER A 164 2.92 -18.74 3.68
CA SER A 164 2.35 -17.76 4.59
C SER A 164 2.71 -16.33 4.19
N ARG A 165 1.77 -15.42 4.43
CA ARG A 165 1.98 -13.98 4.24
C ARG A 165 1.79 -13.27 5.57
N PHE A 166 2.68 -12.31 5.85
CA PHE A 166 2.53 -11.41 6.99
C PHE A 166 2.12 -10.02 6.49
N THR A 167 0.95 -9.56 6.95
CA THR A 167 0.44 -8.23 6.63
C THR A 167 0.63 -7.32 7.86
N PRO A 168 1.45 -6.25 7.72
CA PRO A 168 1.70 -5.39 8.88
C PRO A 168 0.49 -4.56 9.26
N VAL A 169 0.32 -4.31 10.55
CA VAL A 169 -0.75 -3.44 11.04
C VAL A 169 -0.19 -2.25 11.83
N GLY A 170 0.81 -2.51 12.67
CA GLY A 170 1.43 -1.41 13.42
C GLY A 170 2.63 -1.89 14.19
N VAL A 171 3.00 -1.13 15.22
CA VAL A 171 4.09 -1.50 16.09
C VAL A 171 3.55 -1.82 17.47
N ALA A 172 4.44 -2.27 18.34
CA ALA A 172 4.10 -2.56 19.71
C ALA A 172 5.30 -2.25 20.57
N GLN A 173 5.04 -1.91 21.81
CA GLN A 173 6.07 -1.71 22.80
C GLN A 173 5.64 -2.51 24.03
N ASN A 174 6.46 -3.47 24.44
CA ASN A 174 6.19 -4.20 25.68
C ASN A 174 7.15 -3.71 26.75
N GLU A 175 7.17 -4.39 27.91
CA GLU A 175 7.88 -3.88 29.08
C GLU A 175 9.39 -3.69 28.86
N ASN A 176 10.01 -4.50 28.00
CA ASN A 176 11.45 -4.45 27.77
C ASN A 176 11.88 -4.25 26.30
N THR A 177 10.96 -3.85 25.44
CA THR A 177 11.29 -3.67 24.01
C THR A 177 10.76 -2.35 23.51
N PRO A 178 11.55 -1.27 23.68
CA PRO A 178 11.14 0.03 23.16
C PRO A 178 11.16 0.09 21.64
N PHE A 179 10.24 0.86 21.07
CA PHE A 179 10.20 1.14 19.63
C PHE A 179 11.18 2.27 19.31
N GLN A 180 12.23 1.95 18.57
CA GLN A 180 13.33 2.90 18.29
C GLN A 180 13.54 3.03 16.78
N GLN A 181 12.90 4.04 16.18
CA GLN A 181 12.82 4.13 14.72
C GLN A 181 14.14 4.45 14.01
N TRP A 182 15.12 5.00 14.74
CA TRP A 182 16.43 5.32 14.18
C TRP A 182 17.55 4.36 14.59
N VAL A 183 17.19 3.26 15.27
CA VAL A 183 18.16 2.20 15.54
C VAL A 183 17.88 1.04 14.59
N LEU A 184 18.82 0.77 13.69
CA LEU A 184 18.66 -0.31 12.73
C LEU A 184 18.66 -1.66 13.42
N PRO A 185 17.87 -2.62 12.89
CA PRO A 185 17.98 -3.98 13.38
C PRO A 185 19.36 -4.55 13.06
N HIS A 186 19.75 -5.60 13.78
CA HIS A 186 20.85 -6.43 13.33
C HIS A 186 20.25 -7.45 12.37
N TYR A 187 20.31 -7.15 11.08
CA TYR A 187 19.65 -7.97 10.07
C TYR A 187 20.11 -9.43 10.04
N ALA A 188 21.35 -9.69 10.49
CA ALA A 188 21.85 -11.06 10.59
C ALA A 188 22.00 -11.52 12.05
N GLY A 189 21.30 -10.86 12.96
CA GLY A 189 21.39 -11.14 14.39
C GLY A 189 22.64 -10.54 15.03
N ALA A 190 22.73 -10.62 16.36
CA ALA A 190 23.62 -9.72 17.09
C ALA A 190 25.11 -10.01 16.95
N LEU A 191 25.48 -11.18 16.41
CA LEU A 191 26.90 -11.53 16.29
C LEU A 191 27.54 -10.98 15.01
N ALA A 192 26.74 -10.49 14.05
CA ALA A 192 27.25 -10.13 12.70
C ALA A 192 26.88 -8.71 12.34
N LEU A 193 27.74 -8.09 11.52
CA LEU A 193 27.59 -6.70 11.07
C LEU A 193 26.60 -6.57 9.91
N ASN A 194 25.79 -5.51 9.91
CA ASN A 194 24.95 -5.21 8.77
C ASN A 194 25.78 -4.92 7.52
N THR A 195 25.23 -5.26 6.36
CA THR A 195 25.90 -5.07 5.08
C THR A 195 25.01 -4.30 4.12
N ASN A 196 25.63 -3.75 3.07
CA ASN A 196 24.91 -3.15 1.93
C ASN A 196 24.00 -1.98 2.30
N LEU A 197 24.36 -1.24 3.36
CA LEU A 197 23.49 -0.20 3.90
C LEU A 197 23.56 1.08 3.06
N ALA A 198 22.40 1.67 2.80
CA ALA A 198 22.30 3.08 2.45
C ALA A 198 22.93 3.90 3.56
N PRO A 199 23.67 4.98 3.20
CA PRO A 199 24.43 5.73 4.19
C PRO A 199 23.57 6.56 5.13
N ALA A 200 24.12 6.90 6.29
CA ALA A 200 23.48 7.81 7.21
C ALA A 200 23.48 9.22 6.61
N VAL A 201 22.50 10.02 6.97
CA VAL A 201 22.38 11.37 6.42
C VAL A 201 22.35 12.39 7.55
N ALA A 202 22.89 13.56 7.27
CA ALA A 202 22.95 14.62 8.26
C ALA A 202 23.10 15.96 7.53
N PRO A 203 22.59 17.02 8.14
CA PRO A 203 22.83 18.35 7.59
C PRO A 203 24.28 18.82 7.80
N THR A 204 24.89 19.42 6.78
CA THR A 204 26.29 19.90 6.88
C THR A 204 26.45 21.42 6.75
N PHE A 205 25.45 22.10 6.20
CA PHE A 205 25.50 23.56 6.03
C PHE A 205 24.97 24.19 7.31
N PRO A 206 25.62 25.26 7.81
CA PRO A 206 25.18 25.88 9.05
C PRO A 206 23.71 26.31 9.02
N GLY A 207 22.98 25.99 10.08
CA GLY A 207 21.60 26.44 10.24
C GLY A 207 20.58 25.52 9.60
N GLU A 208 21.04 24.43 9.00
CA GLU A 208 20.14 23.48 8.34
C GLU A 208 19.84 22.27 9.19
N GLN A 209 18.67 21.69 8.91
CA GLN A 209 18.22 20.46 9.53
C GLN A 209 17.55 19.61 8.47
N LEU A 210 17.52 18.31 8.70
CA LEU A 210 16.71 17.42 7.87
C LEU A 210 15.23 17.77 7.98
N LEU A 211 14.52 17.58 6.87
CA LEU A 211 13.07 17.65 6.84
C LEU A 211 12.55 16.23 6.61
N PHE A 212 11.59 15.80 7.42
CA PHE A 212 11.02 14.47 7.34
C PHE A 212 9.57 14.49 6.89
N PHE A 213 9.15 13.39 6.27
CA PHE A 213 7.76 13.11 5.97
C PHE A 213 7.28 12.18 7.08
N ARG A 214 6.40 12.70 7.94
CA ARG A 214 6.05 12.07 9.21
C ARG A 214 4.68 11.41 9.19
N SER A 215 4.60 10.22 9.78
CA SER A 215 3.34 9.51 10.00
C SER A 215 3.29 9.00 11.43
N ARG A 216 2.07 8.80 11.92
CA ARG A 216 1.83 8.14 13.20
C ARG A 216 1.45 6.68 12.90
N VAL A 217 2.26 5.74 13.34
CA VAL A 217 1.97 4.31 13.13
C VAL A 217 1.05 3.80 14.24
N PRO A 218 0.04 2.97 13.89
CA PRO A 218 -0.76 2.37 14.97
C PRO A 218 0.12 1.60 15.95
N CYS A 219 -0.17 1.75 17.24
CA CYS A 219 0.57 1.03 18.25
C CYS A 219 -0.36 0.15 19.07
N VAL A 220 -0.17 -1.16 18.95
CA VAL A 220 -1.13 -2.13 19.50
C VAL A 220 -0.86 -2.50 20.96
N GLN A 221 0.27 -2.04 21.49
CA GLN A 221 0.59 -2.21 22.91
C GLN A 221 1.59 -1.12 23.29
N GLY A 222 1.30 -0.40 24.37
CA GLY A 222 2.22 0.62 24.89
C GLY A 222 2.02 1.98 24.26
N LEU A 223 2.88 2.92 24.68
CA LEU A 223 2.83 4.31 24.24
C LEU A 223 1.46 4.96 24.50
N ARG A 224 0.89 4.67 25.66
CA ARG A 224 -0.36 5.31 26.08
C ARG A 224 -0.12 6.82 26.15
N GLY A 225 -1.03 7.57 25.55
CA GLY A 225 -0.94 9.03 25.53
C GLY A 225 0.24 9.59 24.73
N GLN A 226 0.83 8.76 23.89
CA GLN A 226 2.02 9.14 23.09
C GLN A 226 1.78 8.68 21.68
N ASP A 227 2.58 9.21 20.74
CA ASP A 227 2.46 8.80 19.33
C ASP A 227 3.67 8.00 18.90
N ALA A 228 3.42 6.89 18.18
CA ALA A 228 4.49 6.12 17.56
C ALA A 228 4.77 6.73 16.19
N PHE A 229 5.74 7.65 16.13
CA PHE A 229 6.08 8.32 14.88
C PHE A 229 6.98 7.42 14.03
N ILE A 230 6.72 7.37 12.73
CA ILE A 230 7.74 6.89 11.79
C ILE A 230 7.99 7.97 10.73
N ASP A 231 9.25 8.37 10.63
CA ASP A 231 9.66 9.48 9.79
C ASP A 231 10.52 8.97 8.63
N CYS A 232 10.14 9.34 7.40
CA CYS A 232 10.92 8.93 6.23
C CYS A 232 11.54 10.13 5.52
N LEU A 233 12.59 9.86 4.75
CA LEU A 233 13.34 10.91 4.06
C LEU A 233 12.69 11.28 2.74
N LEU A 234 12.01 10.31 2.12
CA LEU A 234 11.28 10.50 0.88
C LEU A 234 9.98 9.70 0.93
N PRO A 235 8.87 10.29 0.45
CA PRO A 235 7.68 9.45 0.33
C PRO A 235 7.86 8.41 -0.77
N GLN A 236 7.11 7.32 -0.68
CA GLN A 236 7.20 6.25 -1.66
C GLN A 236 6.98 6.76 -3.08
N GLU A 237 6.06 7.70 -3.26
CA GLU A 237 5.76 8.24 -4.58
C GLU A 237 6.94 9.01 -5.21
N TRP A 238 7.77 9.65 -4.38
CA TRP A 238 8.97 10.30 -4.89
C TRP A 238 10.02 9.26 -5.30
N VAL A 239 10.25 8.26 -4.45
CA VAL A 239 11.12 7.13 -4.79
C VAL A 239 10.74 6.56 -6.16
N ASN A 240 9.44 6.26 -6.33
CA ASN A 240 8.96 5.59 -7.53
C ASN A 240 9.10 6.51 -8.75
N HIS A 241 8.89 7.80 -8.54
CA HIS A 241 9.02 8.79 -9.61
C HIS A 241 10.45 8.91 -10.09
N PHE A 242 11.40 9.00 -9.16
CA PHE A 242 12.82 9.07 -9.53
C PHE A 242 13.27 7.80 -10.23
N TYR A 243 12.77 6.65 -9.76
CA TYR A 243 13.08 5.38 -10.41
C TYR A 243 12.58 5.36 -11.86
N GLN A 244 11.36 5.83 -12.08
CA GLN A 244 10.78 5.89 -13.42
C GLN A 244 11.55 6.82 -14.34
N GLU A 245 11.81 8.02 -13.84
CA GLU A 245 12.37 9.09 -14.65
C GLU A 245 13.85 8.92 -14.95
N ALA A 246 14.60 8.50 -13.93
CA ALA A 246 16.06 8.35 -14.03
C ALA A 246 16.72 9.58 -14.66
N ALA A 247 16.25 10.77 -14.26
CA ALA A 247 16.78 12.01 -14.80
C ALA A 247 18.17 12.24 -14.22
N PRO A 248 19.18 12.50 -15.08
CA PRO A 248 20.52 12.71 -14.52
C PRO A 248 20.56 13.95 -13.64
N SER A 249 21.21 13.84 -12.48
CA SER A 249 21.34 14.97 -11.57
C SER A 249 22.42 15.90 -12.09
N GLN A 250 22.08 17.18 -12.26
CA GLN A 250 23.00 18.17 -12.83
C GLN A 250 23.84 18.89 -11.78
N ALA A 251 23.55 18.64 -10.50
CA ALA A 251 24.32 19.21 -9.39
C ALA A 251 24.05 18.41 -8.12
N ASP A 252 24.72 18.79 -7.03
CA ASP A 252 24.54 18.09 -5.75
C ASP A 252 23.19 18.36 -5.10
N VAL A 253 22.58 19.49 -5.45
CA VAL A 253 21.38 19.93 -4.78
C VAL A 253 20.35 20.47 -5.77
N ALA A 254 19.12 20.00 -5.60
CA ALA A 254 17.96 20.57 -6.29
C ALA A 254 17.21 21.47 -5.33
N LEU A 255 17.08 22.75 -5.69
CA LEU A 255 16.29 23.69 -4.91
C LEU A 255 14.83 23.38 -5.20
N ILE A 256 14.06 23.15 -4.13
CA ILE A 256 12.63 22.88 -4.27
C ILE A 256 11.86 23.87 -3.42
N ARG A 257 10.65 24.21 -3.87
CA ARG A 257 9.82 25.18 -3.20
C ARG A 257 8.44 24.57 -2.92
N TYR A 258 7.93 24.79 -1.71
CA TYR A 258 6.57 24.36 -1.37
C TYR A 258 5.65 25.48 -1.77
N VAL A 259 4.80 25.21 -2.76
CA VAL A 259 3.94 26.25 -3.34
C VAL A 259 2.47 25.98 -3.05
N ASN A 260 1.71 27.06 -2.92
CA ASN A 260 0.26 26.98 -2.82
C ASN A 260 -0.32 27.38 -4.18
N PRO A 261 -0.85 26.41 -4.94
CA PRO A 261 -1.36 26.74 -6.28
C PRO A 261 -2.63 27.61 -6.27
N ASP A 262 -3.34 27.63 -5.14
CA ASP A 262 -4.52 28.48 -4.99
C ASP A 262 -4.14 29.96 -4.96
N THR A 263 -3.10 30.29 -4.19
CA THR A 263 -2.61 31.67 -4.08
C THR A 263 -1.44 31.98 -5.01
N GLY A 264 -0.73 30.96 -5.47
CA GLY A 264 0.46 31.13 -6.31
C GLY A 264 1.74 31.45 -5.54
N ARG A 265 1.66 31.48 -4.20
CA ARG A 265 2.80 31.86 -3.37
C ARG A 265 3.67 30.67 -2.96
N THR A 266 4.95 30.95 -2.73
CA THR A 266 5.88 29.99 -2.15
C THR A 266 5.85 30.14 -0.63
N LEU A 267 5.59 29.04 0.07
CA LEU A 267 5.56 29.08 1.54
C LEU A 267 6.95 28.96 2.14
N PHE A 268 7.76 28.06 1.60
CA PHE A 268 9.15 27.93 2.01
C PHE A 268 9.94 27.18 0.95
N GLU A 269 11.26 27.23 1.06
CA GLU A 269 12.13 26.51 0.15
C GLU A 269 13.00 25.52 0.92
N ALA A 270 13.53 24.54 0.20
CA ALA A 270 14.33 23.49 0.79
C ALA A 270 15.34 22.97 -0.22
N LYS A 271 16.34 22.25 0.29
CA LYS A 271 17.34 21.60 -0.55
C LYS A 271 17.06 20.12 -0.64
N LEU A 272 16.85 19.64 -1.86
CA LEU A 272 16.71 18.21 -2.10
C LEU A 272 18.06 17.69 -2.60
N HIS A 273 18.73 16.91 -1.75
CA HIS A 273 20.10 16.47 -2.04
C HIS A 273 20.12 15.30 -3.01
N ARG A 274 21.18 15.21 -3.82
CA ARG A 274 21.22 14.19 -4.87
C ARG A 274 21.12 12.77 -4.33
N SER A 275 21.60 12.53 -3.10
CA SER A 275 21.50 11.19 -2.50
C SER A 275 20.08 10.86 -1.97
N GLY A 276 19.16 11.82 -2.00
CA GLY A 276 17.76 11.55 -1.70
C GLY A 276 17.33 11.87 -0.28
N PHE A 277 17.50 13.13 0.11
CA PHE A 277 16.96 13.63 1.37
C PHE A 277 16.87 15.15 1.30
N ILE A 278 16.13 15.73 2.23
CA ILE A 278 15.81 17.15 2.21
C ILE A 278 16.36 17.85 3.46
N THR A 279 16.89 19.06 3.28
CA THR A 279 17.18 19.94 4.40
C THR A 279 16.45 21.27 4.25
N VAL A 280 16.19 21.90 5.39
CA VAL A 280 15.59 23.22 5.46
C VAL A 280 16.43 24.08 6.38
N SER A 281 16.31 25.40 6.25
CA SER A 281 16.95 26.32 7.19
C SER A 281 16.06 26.56 8.39
N HIS A 282 16.36 25.86 9.48
CA HIS A 282 15.62 26.02 10.74
C HIS A 282 16.42 25.43 11.89
N THR A 283 16.18 25.94 13.09
CA THR A 283 16.80 25.42 14.31
C THR A 283 15.69 25.12 15.32
N GLY A 284 15.63 23.87 15.78
CA GLY A 284 14.59 23.40 16.67
C GLY A 284 13.70 22.31 16.08
N ALA A 285 13.11 21.51 16.97
CA ALA A 285 12.07 20.56 16.58
C ALA A 285 10.83 21.34 16.21
N TYR A 286 10.29 21.11 15.00
CA TYR A 286 9.17 21.92 14.52
C TYR A 286 8.30 21.19 13.50
N PRO A 287 7.00 21.00 13.82
CA PRO A 287 6.05 20.49 12.84
C PRO A 287 5.54 21.61 11.93
N LEU A 288 5.67 21.42 10.63
CA LEU A 288 5.26 22.44 9.67
C LEU A 288 3.76 22.43 9.49
N VAL A 289 3.18 23.61 9.30
CA VAL A 289 1.78 23.71 8.88
C VAL A 289 1.80 24.11 7.41
N VAL A 290 1.26 23.24 6.56
CA VAL A 290 1.21 23.49 5.13
C VAL A 290 -0.25 23.45 4.67
N PRO A 291 -0.58 24.23 3.63
CA PRO A 291 -1.96 24.22 3.15
C PRO A 291 -2.30 22.90 2.47
N PRO A 292 -3.57 22.47 2.57
CA PRO A 292 -4.00 21.17 2.04
C PRO A 292 -3.70 20.94 0.55
N ASN A 293 -3.77 22.02 -0.24
CA ASN A 293 -3.56 21.90 -1.68
C ASN A 293 -2.12 22.19 -2.11
N GLY A 294 -1.24 22.44 -1.15
CA GLY A 294 0.15 22.79 -1.45
C GLY A 294 0.96 21.58 -1.87
N HIS A 295 2.09 21.83 -2.53
CA HIS A 295 3.02 20.77 -2.90
C HIS A 295 4.41 21.31 -3.22
N PHE A 296 5.40 20.45 -3.11
CA PHE A 296 6.76 20.80 -3.53
C PHE A 296 6.84 20.83 -5.05
N ARG A 297 7.65 21.75 -5.58
CA ARG A 297 7.99 21.74 -6.99
C ARG A 297 9.47 22.00 -7.15
N PHE A 298 10.06 21.38 -8.16
CA PHE A 298 11.46 21.60 -8.51
C PHE A 298 11.65 23.00 -9.09
N ASP A 299 12.62 23.73 -8.56
CA ASP A 299 12.91 25.08 -9.05
C ASP A 299 14.11 25.07 -9.97
N SER A 300 15.25 24.61 -9.46
CA SER A 300 16.51 24.67 -10.19
C SER A 300 17.60 23.88 -9.48
N TRP A 301 18.65 23.57 -10.23
CA TRP A 301 19.86 22.98 -9.67
C TRP A 301 20.74 24.07 -9.09
N VAL A 302 21.22 23.84 -7.88
CA VAL A 302 22.09 24.77 -7.15
C VAL A 302 23.17 23.86 -6.55
N ASN A 303 24.17 24.43 -5.87
CA ASN A 303 25.18 23.59 -5.22
C ASN A 303 24.93 23.45 -3.70
N GLN A 304 25.81 22.71 -3.05
CA GLN A 304 25.67 22.43 -1.61
C GLN A 304 25.76 23.66 -0.71
N PHE A 305 26.31 24.74 -1.26
CA PHE A 305 26.55 25.96 -0.49
C PHE A 305 25.42 26.97 -0.59
N TYR A 306 24.36 26.65 -1.34
CA TYR A 306 23.26 27.58 -1.50
C TYR A 306 22.65 27.87 -0.14
N SER A 307 22.40 29.15 0.14
CA SER A 307 21.84 29.57 1.42
C SER A 307 20.33 29.74 1.29
N LEU A 308 19.59 28.89 1.99
CA LEU A 308 18.13 28.90 1.94
C LEU A 308 17.56 30.07 2.72
N ALA A 309 16.47 30.63 2.22
CA ALA A 309 15.66 31.53 3.03
C ALA A 309 15.20 30.76 4.27
N PRO A 310 15.37 31.34 5.47
CA PRO A 310 14.90 30.66 6.68
C PRO A 310 13.43 30.23 6.60
N MET A 311 13.15 29.02 7.06
CA MET A 311 11.79 28.50 7.07
C MET A 311 11.03 29.05 8.27
N THR B 3 -0.03 18.25 -28.72
CA THR B 3 -0.63 17.87 -27.41
C THR B 3 0.29 16.91 -26.63
N LYS B 4 0.07 16.83 -25.33
CA LYS B 4 0.87 15.99 -24.43
C LYS B 4 0.71 14.50 -24.79
N PRO B 5 1.83 13.82 -25.13
CA PRO B 5 1.72 12.40 -25.48
C PRO B 5 1.28 11.51 -24.33
N PHE B 6 0.45 10.53 -24.64
CA PHE B 6 0.03 9.52 -23.68
C PHE B 6 1.16 8.51 -23.47
N THR B 7 1.36 8.07 -22.24
CA THR B 7 2.38 7.08 -21.90
C THR B 7 1.89 6.18 -20.77
N LEU B 8 2.52 5.01 -20.65
CA LEU B 8 2.33 4.12 -19.50
C LEU B 8 3.58 4.19 -18.64
N PRO B 9 3.44 3.94 -17.32
CA PRO B 9 4.65 3.72 -16.54
C PRO B 9 5.36 2.44 -17.00
N ILE B 10 6.68 2.41 -16.83
CA ILE B 10 7.49 1.24 -17.13
C ILE B 10 7.64 0.41 -15.87
N LEU B 11 6.81 -0.61 -15.74
CA LEU B 11 6.73 -1.41 -14.53
C LEU B 11 6.47 -2.86 -14.90
N THR B 12 7.23 -3.77 -14.32
CA THR B 12 7.05 -5.19 -14.57
C THR B 12 5.89 -5.71 -13.74
N ILE B 13 5.51 -6.95 -13.98
CA ILE B 13 4.38 -7.57 -13.27
C ILE B 13 4.54 -7.56 -11.74
N SER B 14 5.79 -7.71 -11.27
CA SER B 14 6.08 -7.69 -9.83
C SER B 14 6.21 -6.29 -9.23
N GLU B 15 6.04 -5.26 -10.07
CA GLU B 15 6.13 -3.87 -9.62
C GLU B 15 4.78 -3.16 -9.74
N LEU B 16 3.70 -3.94 -9.67
CA LEU B 16 2.33 -3.41 -9.74
C LEU B 16 1.49 -3.78 -8.54
N THR B 17 0.61 -2.87 -8.15
CA THR B 17 -0.28 -3.05 -7.00
C THR B 17 -1.73 -3.16 -7.46
N ASN B 18 -2.44 -4.13 -6.89
CA ASN B 18 -3.88 -4.24 -7.12
C ASN B 18 -4.57 -2.97 -6.65
N SER B 19 -5.47 -2.44 -7.47
CA SER B 19 -6.19 -1.21 -7.13
C SER B 19 -7.44 -1.46 -6.31
N ARG B 20 -7.80 -2.73 -6.11
CA ARG B 20 -9.02 -3.10 -5.37
C ARG B 20 -8.74 -3.70 -4.00
N PHE B 21 -7.48 -4.05 -3.74
CA PHE B 21 -7.04 -4.52 -2.43
C PHE B 21 -5.53 -4.27 -2.33
N PRO B 22 -5.02 -3.84 -1.16
CA PRO B 22 -3.62 -3.43 -1.09
C PRO B 22 -2.62 -4.60 -1.04
N ILE B 23 -2.47 -5.28 -2.18
CA ILE B 23 -1.53 -6.37 -2.35
C ILE B 23 -0.98 -6.32 -3.77
N PRO B 24 0.19 -6.94 -4.01
CA PRO B 24 0.74 -6.90 -5.36
C PRO B 24 -0.10 -7.67 -6.37
N ILE B 25 -0.06 -7.20 -7.62
CA ILE B 25 -0.50 -7.98 -8.76
C ILE B 25 0.41 -9.20 -8.88
N GLU B 26 -0.20 -10.36 -9.12
CA GLU B 26 0.55 -11.61 -9.27
C GLU B 26 0.61 -12.08 -10.71
N GLN B 27 -0.43 -11.82 -11.49
CA GLN B 27 -0.46 -12.28 -12.87
C GLN B 27 -1.50 -11.52 -13.70
N LEU B 28 -1.36 -11.62 -15.01
CA LEU B 28 -2.37 -11.15 -15.95
C LEU B 28 -3.27 -12.33 -16.27
N TYR B 29 -4.55 -12.07 -16.38
CA TYR B 29 -5.54 -13.13 -16.54
C TYR B 29 -6.67 -12.63 -17.41
N THR B 30 -7.07 -13.45 -18.39
CA THR B 30 -8.20 -13.12 -19.23
C THR B 30 -9.26 -14.19 -19.08
N ALA B 31 -10.52 -13.76 -19.18
CA ALA B 31 -11.64 -14.68 -19.16
C ALA B 31 -12.86 -13.98 -19.73
N PRO B 32 -13.83 -14.76 -20.24
CA PRO B 32 -15.10 -14.15 -20.66
C PRO B 32 -15.89 -13.66 -19.46
N ASN B 33 -16.71 -12.62 -19.65
CA ASN B 33 -17.57 -12.10 -18.59
C ASN B 33 -18.56 -13.15 -18.07
N GLU B 34 -19.08 -13.98 -18.97
CA GLU B 34 -20.14 -14.94 -18.62
C GLU B 34 -21.28 -14.18 -17.93
N ASN B 35 -21.70 -14.57 -16.73
CA ASN B 35 -22.78 -13.86 -16.03
C ASN B 35 -22.29 -12.78 -15.05
N ASN B 36 -20.99 -12.49 -15.06
CA ASN B 36 -20.46 -11.42 -14.22
C ASN B 36 -20.72 -10.06 -14.85
N VAL B 37 -21.18 -9.11 -14.05
CA VAL B 37 -21.23 -7.71 -14.44
C VAL B 37 -19.96 -7.06 -13.88
N VAL B 38 -19.06 -6.67 -14.77
CA VAL B 38 -17.75 -6.14 -14.37
C VAL B 38 -17.88 -4.64 -14.15
N GLN B 39 -18.11 -4.25 -12.89
CA GLN B 39 -18.37 -2.86 -12.54
C GLN B 39 -17.72 -2.49 -11.21
N CYS B 40 -16.46 -2.88 -11.04
CA CYS B 40 -15.72 -2.52 -9.84
C CYS B 40 -15.57 -0.99 -9.77
N GLN B 41 -15.44 -0.49 -8.54
CA GLN B 41 -15.47 0.94 -8.28
C GLN B 41 -14.11 1.51 -7.84
N ASN B 42 -13.24 0.64 -7.36
CA ASN B 42 -11.85 0.97 -7.12
C ASN B 42 -11.00 0.62 -8.34
N GLY B 43 -9.96 1.40 -8.58
CA GLY B 43 -9.12 1.23 -9.76
C GLY B 43 -9.80 1.64 -11.05
N ARG B 44 -10.64 2.68 -10.96
CA ARG B 44 -11.34 3.20 -12.11
C ARG B 44 -10.83 4.61 -12.44
N CYS B 45 -10.30 4.76 -13.65
CA CYS B 45 -9.70 6.01 -14.10
C CYS B 45 -9.65 6.01 -15.62
N THR B 46 -10.03 7.12 -16.23
CA THR B 46 -9.95 7.26 -17.68
C THR B 46 -8.49 7.48 -18.06
N LEU B 47 -8.17 7.26 -19.34
CA LEU B 47 -6.80 7.44 -19.81
C LEU B 47 -6.34 8.89 -19.73
N ASP B 48 -7.27 9.83 -19.76
CA ASP B 48 -6.89 11.25 -19.58
C ASP B 48 -6.90 11.71 -18.11
N GLY B 49 -7.07 10.79 -17.17
CA GLY B 49 -6.80 11.06 -15.75
C GLY B 49 -7.97 11.43 -14.87
N GLU B 50 -9.19 11.05 -15.27
CA GLU B 50 -10.39 11.32 -14.48
C GLU B 50 -10.71 10.11 -13.61
N LEU B 51 -10.54 10.27 -12.30
CA LEU B 51 -10.86 9.20 -11.36
C LEU B 51 -12.36 8.99 -11.31
N GLN B 52 -12.80 7.75 -11.15
CA GLN B 52 -14.21 7.41 -11.09
C GLN B 52 -14.53 6.51 -9.91
N GLY B 53 -15.82 6.35 -9.64
CA GLY B 53 -16.30 5.47 -8.58
C GLY B 53 -15.79 5.91 -7.22
N THR B 54 -15.20 4.97 -6.48
CA THR B 54 -14.61 5.25 -5.17
C THR B 54 -13.08 5.32 -5.24
N THR B 55 -12.55 5.56 -6.43
CA THR B 55 -11.11 5.52 -6.66
C THR B 55 -10.39 6.76 -6.14
N GLN B 56 -9.31 6.50 -5.40
CA GLN B 56 -8.38 7.54 -4.96
C GLN B 56 -6.96 7.02 -5.20
N LEU B 57 -5.96 7.77 -4.79
CA LEU B 57 -4.58 7.48 -5.21
C LEU B 57 -3.74 6.54 -4.34
N LEU B 58 -4.14 6.33 -3.08
CA LEU B 58 -3.30 5.59 -2.13
C LEU B 58 -3.75 4.16 -1.90
N SER B 59 -2.84 3.22 -2.13
CA SER B 59 -3.10 1.81 -1.82
C SER B 59 -3.44 1.60 -0.36
N SER B 60 -2.85 2.40 0.53
CA SER B 60 -3.13 2.30 1.97
C SER B 60 -4.55 2.73 2.35
N ALA B 61 -5.29 3.30 1.41
CA ALA B 61 -6.67 3.69 1.66
C ALA B 61 -7.67 2.68 1.11
N VAL B 62 -7.21 1.73 0.29
CA VAL B 62 -8.13 0.79 -0.36
C VAL B 62 -8.57 -0.29 0.63
N CYS B 63 -9.89 -0.40 0.82
CA CYS B 63 -10.48 -1.28 1.84
C CYS B 63 -10.03 -0.91 3.26
N SER B 64 -9.62 0.34 3.47
CA SER B 64 -9.38 0.84 4.80
C SER B 64 -10.52 1.78 5.14
N TYR B 65 -10.80 1.89 6.43
CA TYR B 65 -11.82 2.80 6.93
C TYR B 65 -11.26 3.53 8.14
N ARG B 66 -11.71 4.76 8.31
CA ARG B 66 -11.38 5.56 9.49
C ARG B 66 -12.63 6.26 9.99
N GLY B 67 -12.66 6.50 11.30
CA GLY B 67 -13.77 7.21 11.90
C GLY B 67 -13.77 7.09 13.41
N ARG B 68 -14.95 7.27 13.99
CA ARG B 68 -15.15 7.14 15.42
C ARG B 68 -16.14 6.00 15.65
N THR B 69 -15.84 5.16 16.62
CA THR B 69 -16.74 4.05 16.93
C THR B 69 -17.92 4.51 17.78
N VAL B 70 -19.04 3.82 17.62
CA VAL B 70 -20.18 3.99 18.49
C VAL B 70 -20.73 2.62 18.85
N ALA B 71 -21.17 2.47 20.10
CA ALA B 71 -21.70 1.19 20.55
C ALA B 71 -22.96 0.84 19.76
N ASN B 72 -23.18 -0.44 19.48
CA ASN B 72 -24.41 -0.91 18.84
C ASN B 72 -25.05 -2.00 19.67
N SER B 73 -25.81 -1.59 20.66
CA SER B 73 -26.39 -2.55 21.60
C SER B 73 -27.43 -3.44 20.94
N GLY B 74 -27.54 -4.66 21.47
CA GLY B 74 -28.64 -5.55 21.10
C GLY B 74 -28.40 -6.29 19.82
N ASP B 75 -27.13 -6.41 19.44
CA ASP B 75 -26.72 -7.00 18.17
C ASP B 75 -25.56 -7.98 18.33
N ASN B 76 -25.80 -9.26 18.02
CA ASN B 76 -24.77 -10.30 18.12
C ASN B 76 -23.76 -10.27 16.97
N TRP B 77 -24.07 -9.55 15.90
CA TRP B 77 -23.13 -9.44 14.79
C TRP B 77 -22.36 -8.13 14.89
N ASP B 78 -23.00 -7.02 14.56
CA ASP B 78 -22.33 -5.71 14.64
C ASP B 78 -22.48 -5.14 16.04
N GLN B 79 -21.51 -5.37 16.90
CA GLN B 79 -21.58 -4.91 18.28
C GLN B 79 -21.22 -3.43 18.39
N ASN B 80 -20.54 -2.91 17.37
CA ASN B 80 -20.23 -1.48 17.25
C ASN B 80 -20.36 -1.05 15.81
N LEU B 81 -20.51 0.26 15.60
CA LEU B 81 -20.49 0.86 14.28
C LEU B 81 -19.28 1.78 14.19
N LEU B 82 -18.88 2.07 12.96
CA LEU B 82 -17.81 3.04 12.70
C LEU B 82 -18.40 4.20 11.90
N GLN B 83 -18.39 5.39 12.51
CA GLN B 83 -18.88 6.59 11.86
C GLN B 83 -17.73 7.17 11.04
N LEU B 84 -17.88 7.15 9.73
CA LEU B 84 -16.75 7.27 8.80
C LEU B 84 -16.33 8.70 8.46
N THR B 85 -15.03 8.86 8.22
CA THR B 85 -14.50 9.98 7.46
C THR B 85 -14.00 9.39 6.13
N TYR B 86 -13.44 10.24 5.27
CA TYR B 86 -12.62 9.73 4.17
C TYR B 86 -11.38 9.08 4.79
N PRO B 87 -10.76 8.11 4.09
CA PRO B 87 -9.54 7.48 4.61
C PRO B 87 -8.40 8.46 4.89
N SER B 88 -8.37 9.57 4.16
CA SER B 88 -7.41 10.63 4.41
C SER B 88 -7.59 11.28 5.79
N GLY B 89 -8.78 11.13 6.39
CA GLY B 89 -9.15 11.82 7.62
C GLY B 89 -10.10 12.98 7.37
N ALA B 90 -10.20 13.42 6.12
CA ALA B 90 -11.09 14.51 5.74
C ALA B 90 -12.54 14.15 6.06
N SER B 91 -13.32 15.13 6.49
CA SER B 91 -14.69 14.87 6.87
C SER B 91 -15.51 14.40 5.64
N TYR B 92 -16.45 13.50 5.90
CA TYR B 92 -17.27 12.92 4.85
C TYR B 92 -18.72 13.37 4.96
N ASP B 93 -19.31 13.77 3.84
CA ASP B 93 -20.72 14.16 3.80
C ASP B 93 -21.43 13.24 2.80
N PRO B 94 -22.53 12.57 3.22
CA PRO B 94 -23.28 11.70 2.30
C PRO B 94 -23.73 12.35 0.98
N THR B 95 -23.83 13.67 0.96
CA THR B 95 -24.18 14.40 -0.28
C THR B 95 -23.00 14.55 -1.25
N ASP B 96 -21.79 14.18 -0.82
CA ASP B 96 -20.65 14.13 -1.73
C ASP B 96 -20.97 13.22 -2.91
N GLU B 97 -20.55 13.62 -4.11
CA GLU B 97 -20.92 12.93 -5.34
C GLU B 97 -20.01 11.71 -5.54
N VAL B 98 -20.16 10.74 -4.64
CA VAL B 98 -19.39 9.50 -4.66
C VAL B 98 -20.33 8.36 -4.26
N PRO B 99 -20.03 7.11 -4.69
CA PRO B 99 -20.84 5.97 -4.25
C PRO B 99 -20.74 5.72 -2.74
N ALA B 100 -19.59 6.06 -2.18
CA ALA B 100 -19.28 5.82 -0.78
C ALA B 100 -17.96 6.55 -0.54
N PRO B 101 -17.50 6.62 0.72
CA PRO B 101 -16.18 7.22 0.92
C PRO B 101 -15.13 6.53 0.06
N LEU B 102 -14.19 7.31 -0.47
CA LEU B 102 -13.18 6.78 -1.38
C LEU B 102 -12.44 5.61 -0.70
N GLY B 103 -12.16 4.55 -1.46
CA GLY B 103 -11.49 3.36 -0.93
C GLY B 103 -12.41 2.30 -0.33
N THR B 104 -13.68 2.62 -0.13
CA THR B 104 -14.66 1.64 0.37
C THR B 104 -14.58 0.36 -0.49
N GLN B 105 -14.71 -0.78 0.17
CA GLN B 105 -14.69 -2.05 -0.53
C GLN B 105 -15.77 -2.08 -1.62
N ASP B 106 -15.42 -2.69 -2.76
CA ASP B 106 -16.35 -2.74 -3.90
C ASP B 106 -16.75 -4.17 -4.28
N PHE B 107 -16.76 -5.04 -3.28
CA PHE B 107 -17.21 -6.42 -3.46
C PHE B 107 -18.16 -6.81 -2.35
N ARG B 108 -19.06 -7.73 -2.70
CA ARG B 108 -20.04 -8.24 -1.74
C ARG B 108 -19.38 -9.35 -0.92
N GLY B 109 -19.66 -9.34 0.38
CA GLY B 109 -19.16 -10.35 1.28
C GLY B 109 -18.49 -9.75 2.51
N ILE B 110 -17.54 -10.49 3.05
CA ILE B 110 -16.90 -10.13 4.31
C ILE B 110 -15.46 -9.70 4.10
N LEU B 111 -15.17 -8.50 4.57
CA LEU B 111 -13.81 -7.96 4.65
C LEU B 111 -13.32 -8.15 6.08
N TYR B 112 -12.11 -8.69 6.22
CA TYR B 112 -11.49 -8.91 7.52
C TYR B 112 -10.28 -8.01 7.69
N GLY B 113 -10.11 -7.49 8.89
CA GLY B 113 -8.95 -6.70 9.20
C GLY B 113 -8.88 -6.36 10.67
N VAL B 114 -8.00 -5.42 10.98
CA VAL B 114 -7.72 -5.09 12.37
C VAL B 114 -8.02 -3.62 12.63
N LEU B 115 -8.85 -3.39 13.65
CA LEU B 115 -9.15 -2.05 14.13
C LEU B 115 -8.13 -1.67 15.20
N THR B 116 -7.58 -0.47 15.09
CA THR B 116 -6.69 0.09 16.12
C THR B 116 -7.31 1.41 16.61
N GLN B 117 -7.18 1.67 17.90
CA GLN B 117 -7.86 2.78 18.56
C GLN B 117 -6.87 3.49 19.49
N ASP B 118 -7.34 4.04 20.61
CA ASP B 118 -6.44 4.69 21.57
C ASP B 118 -5.37 3.73 22.07
N ASN B 119 -4.13 4.21 22.13
CA ASN B 119 -3.03 3.42 22.67
C ASN B 119 -3.29 3.07 24.14
N VAL B 120 -2.85 1.87 24.53
CA VAL B 120 -3.01 1.36 25.89
C VAL B 120 -1.64 1.13 26.52
N SER B 121 -1.59 1.08 27.85
CA SER B 121 -0.32 0.89 28.55
C SER B 121 0.33 -0.44 28.21
N GLU B 122 1.65 -0.50 28.35
CA GLU B 122 2.42 -1.71 28.11
C GLU B 122 1.88 -2.87 28.95
N GLY B 123 1.52 -2.57 30.20
CA GLY B 123 1.02 -3.60 31.13
C GLY B 123 -0.34 -4.19 30.82
N THR B 124 -1.08 -3.59 29.89
CA THR B 124 -2.40 -4.10 29.49
C THR B 124 -2.29 -5.47 28.82
N GLY B 125 -1.17 -5.71 28.13
CA GLY B 125 -0.88 -7.01 27.55
C GLY B 125 -0.61 -6.93 26.05
N GLU B 126 -0.44 -8.10 25.44
CA GLU B 126 -0.01 -8.17 24.06
C GLU B 126 -1.16 -7.88 23.08
N ALA B 127 -0.91 -6.94 22.17
CA ALA B 127 -1.84 -6.60 21.10
C ALA B 127 -3.27 -6.32 21.57
N LYS B 128 -3.40 -5.68 22.73
CA LYS B 128 -4.71 -5.37 23.27
C LYS B 128 -5.39 -4.22 22.52
N ASN B 129 -4.60 -3.38 21.84
CA ASN B 129 -5.15 -2.34 20.96
C ASN B 129 -5.14 -2.78 19.50
N ALA B 130 -5.52 -4.04 19.30
CA ALA B 130 -5.68 -4.60 17.97
C ALA B 130 -6.93 -5.47 18.03
N LYS B 131 -7.96 -5.06 17.30
CA LYS B 131 -9.26 -5.73 17.33
C LYS B 131 -9.59 -6.34 15.98
N GLY B 132 -9.61 -7.67 15.92
CA GLY B 132 -9.98 -8.37 14.69
C GLY B 132 -11.46 -8.23 14.43
N VAL B 133 -11.83 -7.78 13.23
CA VAL B 133 -13.23 -7.53 12.91
C VAL B 133 -13.60 -7.96 11.51
N TYR B 134 -14.88 -8.33 11.35
CA TYR B 134 -15.50 -8.57 10.06
C TYR B 134 -16.39 -7.40 9.70
N ILE B 135 -16.24 -6.91 8.47
CA ILE B 135 -17.13 -5.91 7.92
C ILE B 135 -17.89 -6.57 6.77
N SER B 136 -19.14 -6.95 7.03
CA SER B 136 -19.93 -7.68 6.04
C SER B 136 -20.88 -6.74 5.31
N THR B 137 -20.90 -6.83 3.98
CA THR B 137 -21.80 -5.98 3.19
C THR B 137 -23.26 -6.44 3.26
N THR B 138 -23.48 -7.70 3.65
CA THR B 138 -24.84 -8.23 3.78
C THR B 138 -25.50 -7.82 5.10
N SER B 139 -24.74 -7.22 6.02
CA SER B 139 -25.30 -6.62 7.21
C SER B 139 -26.11 -5.39 6.85
N GLY B 140 -27.26 -5.23 7.49
CA GLY B 140 -28.06 -4.01 7.36
C GLY B 140 -27.31 -2.77 7.85
N LYS B 141 -26.24 -2.95 8.61
CA LYS B 141 -25.42 -1.83 9.07
C LYS B 141 -24.35 -1.41 8.07
N PHE B 142 -24.21 -2.12 6.95
CA PHE B 142 -23.23 -1.69 5.95
C PHE B 142 -23.83 -0.59 5.09
N THR B 143 -23.62 0.66 5.51
CA THR B 143 -24.19 1.83 4.83
C THR B 143 -23.13 2.93 4.69
N PRO B 144 -21.99 2.61 4.06
CA PRO B 144 -20.92 3.61 3.99
C PRO B 144 -21.32 4.92 3.29
N LYS B 145 -22.23 4.86 2.31
CA LYS B 145 -22.72 6.06 1.63
C LYS B 145 -23.31 7.05 2.65
N ILE B 146 -23.99 6.52 3.64
CA ILE B 146 -24.63 7.33 4.67
C ILE B 146 -23.65 7.65 5.81
N GLY B 147 -22.45 7.09 5.76
CA GLY B 147 -21.35 7.45 6.66
C GLY B 147 -21.15 6.51 7.82
N SER B 148 -21.66 5.28 7.72
CA SER B 148 -21.60 4.34 8.84
C SER B 148 -21.51 2.89 8.37
N ILE B 149 -20.65 2.12 9.01
CA ILE B 149 -20.55 0.67 8.76
C ILE B 149 -20.59 -0.12 10.07
N GLY B 150 -21.00 -1.38 9.97
CA GLY B 150 -21.01 -2.29 11.11
C GLY B 150 -19.69 -3.02 11.30
N LEU B 151 -19.25 -3.13 12.55
CA LEU B 151 -18.06 -3.91 12.90
C LEU B 151 -18.44 -5.13 13.72
N HIS B 152 -18.13 -6.32 13.20
CA HIS B 152 -18.33 -7.57 13.94
C HIS B 152 -17.02 -8.07 14.54
N SER B 153 -16.90 -7.92 15.86
CA SER B 153 -15.70 -8.32 16.59
C SER B 153 -15.51 -9.84 16.61
N ILE B 154 -14.27 -10.25 16.39
CA ILE B 154 -13.82 -11.64 16.53
C ILE B 154 -12.80 -11.78 17.64
N THR B 155 -11.78 -10.92 17.66
CA THR B 155 -10.76 -10.91 18.72
C THR B 155 -10.58 -9.52 19.32
N GLU B 156 -10.63 -9.48 20.65
CA GLU B 156 -10.48 -8.27 21.48
C GLU B 156 -11.67 -7.31 21.41
N ASN B 157 -11.91 -6.61 22.51
CA ASN B 157 -13.09 -5.75 22.62
C ASN B 157 -12.87 -4.40 21.95
N VAL B 158 -13.81 -3.99 21.12
CA VAL B 158 -13.80 -2.67 20.50
C VAL B 158 -14.41 -1.65 21.47
N HIS B 159 -13.66 -0.59 21.75
CA HIS B 159 -14.11 0.50 22.59
C HIS B 159 -14.99 1.47 21.77
N PRO B 160 -16.19 1.78 22.28
CA PRO B 160 -16.96 2.83 21.64
C PRO B 160 -16.30 4.18 21.89
N ASN B 161 -16.61 5.17 21.05
CA ASN B 161 -16.21 6.52 21.34
C ASN B 161 -14.71 6.78 21.26
N GLN B 162 -14.03 6.10 20.33
CA GLN B 162 -12.61 6.36 20.09
C GLN B 162 -12.34 6.51 18.61
N GLN B 163 -11.43 7.43 18.29
CA GLN B 163 -10.93 7.58 16.93
C GLN B 163 -10.22 6.29 16.54
N SER B 164 -10.63 5.71 15.41
CA SER B 164 -10.26 4.35 15.06
C SER B 164 -9.87 4.22 13.60
N ARG B 165 -8.91 3.34 13.32
CA ARG B 165 -8.50 2.99 11.97
C ARG B 165 -8.72 1.50 11.76
N PHE B 166 -9.26 1.15 10.59
CA PHE B 166 -9.36 -0.23 10.14
C PHE B 166 -8.32 -0.50 9.08
N THR B 167 -7.44 -1.46 9.33
CA THR B 167 -6.43 -1.91 8.39
C THR B 167 -6.86 -3.27 7.81
N PRO B 168 -7.06 -3.34 6.48
CA PRO B 168 -7.55 -4.59 5.89
C PRO B 168 -6.47 -5.66 5.86
N VAL B 169 -6.87 -6.92 6.01
CA VAL B 169 -5.94 -8.03 5.91
C VAL B 169 -6.37 -9.00 4.80
N GLY B 170 -7.66 -9.28 4.71
CA GLY B 170 -8.15 -10.16 3.66
C GLY B 170 -9.64 -10.23 3.64
N VAL B 171 -10.17 -11.31 3.05
CA VAL B 171 -11.59 -11.55 3.02
C VAL B 171 -11.93 -12.76 3.85
N ALA B 172 -13.22 -13.02 3.97
CA ALA B 172 -13.70 -14.19 4.69
C ALA B 172 -14.98 -14.66 4.04
N GLN B 173 -15.24 -15.95 4.16
CA GLN B 173 -16.47 -16.53 3.70
C GLN B 173 -16.97 -17.37 4.86
N ASN B 174 -18.15 -17.08 5.38
CA ASN B 174 -18.78 -17.92 6.39
C ASN B 174 -19.92 -18.71 5.76
N GLU B 175 -20.70 -19.39 6.59
CA GLU B 175 -21.65 -20.39 6.08
C GLU B 175 -22.72 -19.81 5.13
N ASN B 176 -23.08 -18.54 5.30
CA ASN B 176 -24.12 -17.90 4.49
C ASN B 176 -23.71 -16.59 3.79
N THR B 177 -22.43 -16.31 3.71
CA THR B 177 -21.95 -15.06 3.09
C THR B 177 -20.82 -15.37 2.11
N PRO B 178 -21.16 -15.70 0.87
CA PRO B 178 -20.13 -15.92 -0.15
C PRO B 178 -19.41 -14.62 -0.55
N PHE B 179 -18.12 -14.75 -0.86
CA PHE B 179 -17.31 -13.66 -1.38
C PHE B 179 -17.56 -13.54 -2.89
N GLN B 180 -18.15 -12.43 -3.31
CA GLN B 180 -18.55 -12.22 -4.69
C GLN B 180 -17.94 -10.94 -5.24
N GLN B 181 -16.78 -11.05 -5.88
CA GLN B 181 -15.98 -9.87 -6.25
C GLN B 181 -16.60 -8.98 -7.32
N TRP B 182 -17.55 -9.52 -8.09
CA TRP B 182 -18.21 -8.74 -9.14
C TRP B 182 -19.65 -8.34 -8.80
N VAL B 183 -20.08 -8.56 -7.56
CA VAL B 183 -21.36 -8.04 -7.09
C VAL B 183 -21.10 -6.85 -6.19
N LEU B 184 -21.53 -5.67 -6.61
CA LEU B 184 -21.32 -4.46 -5.81
C LEU B 184 -22.12 -4.51 -4.51
N PRO B 185 -21.56 -3.91 -3.44
CA PRO B 185 -22.36 -3.71 -2.23
C PRO B 185 -23.52 -2.77 -2.50
N HIS B 186 -24.52 -2.82 -1.63
CA HIS B 186 -25.50 -1.75 -1.52
C HIS B 186 -24.86 -0.72 -0.59
N TYR B 187 -24.22 0.29 -1.17
CA TYR B 187 -23.50 1.29 -0.38
C TYR B 187 -24.38 2.06 0.61
N ALA B 188 -25.68 2.16 0.33
CA ALA B 188 -26.62 2.79 1.27
C ALA B 188 -27.57 1.77 1.93
N GLY B 189 -27.16 0.51 1.94
CA GLY B 189 -27.95 -0.55 2.54
C GLY B 189 -29.30 -0.68 1.87
N ALA B 190 -30.29 -0.87 2.72
CA ALA B 190 -31.70 -0.93 2.31
C ALA B 190 -32.30 0.46 2.02
N LEU B 191 -31.58 1.54 2.32
CA LEU B 191 -32.19 2.88 2.26
C LEU B 191 -32.22 3.55 0.88
N ALA B 192 -31.24 3.26 0.04
CA ALA B 192 -31.20 3.88 -1.28
C ALA B 192 -30.39 3.09 -2.32
N LEU B 193 -30.72 3.31 -3.59
CA LEU B 193 -29.98 2.71 -4.70
C LEU B 193 -28.58 3.31 -4.76
N ASN B 194 -27.61 2.54 -5.24
CA ASN B 194 -26.25 3.08 -5.45
C ASN B 194 -26.25 4.27 -6.40
N THR B 195 -25.35 5.21 -6.13
CA THR B 195 -25.21 6.43 -6.93
C THR B 195 -23.78 6.61 -7.36
N ASN B 196 -23.58 7.46 -8.38
CA ASN B 196 -22.25 7.94 -8.78
C ASN B 196 -21.30 6.83 -9.23
N LEU B 197 -21.86 5.75 -9.78
CA LEU B 197 -21.04 4.57 -10.12
C LEU B 197 -20.27 4.77 -11.42
N ALA B 198 -19.00 4.38 -11.41
CA ALA B 198 -18.27 4.08 -12.62
C ALA B 198 -19.03 3.00 -13.40
N PRO B 199 -19.09 3.13 -14.73
CA PRO B 199 -19.90 2.20 -15.53
C PRO B 199 -19.35 0.79 -15.61
N ALA B 200 -20.23 -0.17 -15.92
CA ALA B 200 -19.82 -1.53 -16.17
C ALA B 200 -19.04 -1.60 -17.49
N VAL B 201 -18.16 -2.59 -17.61
CA VAL B 201 -17.34 -2.76 -18.82
C VAL B 201 -17.51 -4.17 -19.38
N ALA B 202 -17.35 -4.28 -20.69
CA ALA B 202 -17.42 -5.55 -21.37
C ALA B 202 -16.67 -5.48 -22.68
N PRO B 203 -16.10 -6.61 -23.11
CA PRO B 203 -15.68 -6.64 -24.48
C PRO B 203 -16.97 -6.77 -25.27
N THR B 204 -17.07 -5.98 -26.31
CA THR B 204 -18.18 -6.09 -27.23
C THR B 204 -17.62 -6.53 -28.59
N PHE B 205 -16.30 -6.63 -28.68
CA PHE B 205 -15.63 -6.86 -29.93
C PHE B 205 -15.44 -8.36 -30.19
N PRO B 206 -15.70 -8.82 -31.42
CA PRO B 206 -15.58 -10.26 -31.70
C PRO B 206 -14.21 -10.85 -31.36
N GLY B 207 -14.21 -11.94 -30.61
CA GLY B 207 -12.97 -12.62 -30.23
C GLY B 207 -12.19 -12.00 -29.09
N GLU B 208 -12.69 -10.91 -28.50
CA GLU B 208 -11.99 -10.21 -27.44
C GLU B 208 -12.55 -10.52 -26.06
N GLN B 209 -11.68 -10.38 -25.07
CA GLN B 209 -12.02 -10.55 -23.67
C GLN B 209 -11.30 -9.48 -22.87
N LEU B 210 -11.84 -9.14 -21.70
CA LEU B 210 -11.13 -8.31 -20.75
C LEU B 210 -9.83 -8.99 -20.31
N LEU B 211 -8.81 -8.19 -20.07
CA LEU B 211 -7.59 -8.64 -19.43
C LEU B 211 -7.56 -8.00 -18.05
N PHE B 212 -7.35 -8.83 -17.03
CA PHE B 212 -7.34 -8.39 -15.65
C PHE B 212 -5.94 -8.46 -15.06
N PHE B 213 -5.72 -7.61 -14.08
CA PHE B 213 -4.54 -7.68 -13.23
C PHE B 213 -5.01 -8.41 -11.97
N ARG B 214 -4.52 -9.63 -11.79
CA ARG B 214 -5.06 -10.57 -10.79
C ARG B 214 -4.18 -10.71 -9.57
N SER B 215 -4.82 -10.75 -8.41
CA SER B 215 -4.16 -11.08 -7.15
C SER B 215 -4.98 -12.11 -6.39
N ARG B 216 -4.30 -12.86 -5.52
CA ARG B 216 -4.97 -13.75 -4.57
C ARG B 216 -5.05 -13.01 -3.25
N VAL B 217 -6.27 -12.73 -2.77
CA VAL B 217 -6.45 -12.05 -1.50
C VAL B 217 -6.43 -13.09 -0.37
N PRO B 218 -5.73 -12.79 0.74
CA PRO B 218 -5.81 -13.74 1.85
C PRO B 218 -7.25 -13.98 2.29
N CYS B 219 -7.59 -15.22 2.58
CA CYS B 219 -8.93 -15.57 3.04
C CYS B 219 -8.84 -16.20 4.42
N VAL B 220 -9.39 -15.51 5.41
CA VAL B 220 -9.23 -15.90 6.81
C VAL B 220 -10.26 -16.90 7.31
N GLN B 221 -11.28 -17.17 6.49
CA GLN B 221 -12.27 -18.21 6.79
C GLN B 221 -12.89 -18.66 5.47
N GLY B 222 -12.92 -19.97 5.25
CA GLY B 222 -13.56 -20.53 4.06
C GLY B 222 -12.64 -20.63 2.86
N LEU B 223 -13.22 -21.08 1.75
CA LEU B 223 -12.50 -21.30 0.50
C LEU B 223 -11.31 -22.25 0.66
N ARG B 224 -11.50 -23.30 1.45
CA ARG B 224 -10.47 -24.32 1.61
C ARG B 224 -10.18 -24.92 0.24
N GLY B 225 -8.90 -25.04 -0.09
CA GLY B 225 -8.46 -25.59 -1.38
C GLY B 225 -8.82 -24.75 -2.59
N GLN B 226 -9.18 -23.48 -2.36
CA GLN B 226 -9.61 -22.58 -3.43
C GLN B 226 -8.90 -21.24 -3.21
N ASP B 227 -8.92 -20.38 -4.22
CA ASP B 227 -8.28 -19.07 -4.11
C ASP B 227 -9.31 -17.98 -4.13
N ALA B 228 -9.15 -17.01 -3.24
CA ALA B 228 -9.96 -15.80 -3.26
C ALA B 228 -9.30 -14.80 -4.20
N PHE B 229 -9.72 -14.80 -5.46
CA PHE B 229 -9.13 -13.90 -6.43
C PHE B 229 -9.78 -12.51 -6.33
N ILE B 230 -8.97 -11.47 -6.44
CA ILE B 230 -9.52 -10.14 -6.72
C ILE B 230 -8.82 -9.60 -7.97
N ASP B 231 -9.65 -9.28 -8.96
CA ASP B 231 -9.19 -8.88 -10.28
C ASP B 231 -9.52 -7.42 -10.53
N CYS B 232 -8.52 -6.63 -10.92
CA CYS B 232 -8.73 -5.21 -11.21
C CYS B 232 -8.49 -4.90 -12.68
N LEU B 233 -9.07 -3.81 -13.14
CA LEU B 233 -8.98 -3.38 -14.53
C LEU B 233 -7.71 -2.60 -14.81
N LEU B 234 -7.21 -1.91 -13.79
CA LEU B 234 -5.97 -1.14 -13.88
C LEU B 234 -5.22 -1.29 -12.58
N PRO B 235 -3.88 -1.45 -12.63
CA PRO B 235 -3.15 -1.39 -11.37
C PRO B 235 -3.15 0.04 -10.83
N GLN B 236 -2.95 0.16 -9.52
CA GLN B 236 -2.94 1.47 -8.88
C GLN B 236 -1.94 2.42 -9.54
N GLU B 237 -0.79 1.89 -9.94
CA GLU B 237 0.25 2.70 -10.54
C GLU B 237 -0.17 3.33 -11.89
N TRP B 238 -1.02 2.63 -12.64
CA TRP B 238 -1.53 3.18 -13.90
C TRP B 238 -2.55 4.27 -13.62
N VAL B 239 -3.46 4.02 -12.67
CA VAL B 239 -4.41 5.05 -12.22
C VAL B 239 -3.65 6.33 -11.86
N ASN B 240 -2.62 6.19 -11.03
CA ASN B 240 -1.88 7.35 -10.53
C ASN B 240 -1.11 8.07 -11.63
N HIS B 241 -0.57 7.29 -12.56
CA HIS B 241 0.13 7.84 -13.71
C HIS B 241 -0.79 8.68 -14.60
N PHE B 242 -1.96 8.13 -14.93
CA PHE B 242 -2.92 8.85 -15.77
C PHE B 242 -3.40 10.12 -15.07
N TYR B 243 -3.60 10.03 -13.75
CA TYR B 243 -3.98 11.21 -12.96
C TYR B 243 -2.91 12.29 -13.04
N GLN B 244 -1.64 11.92 -12.91
CA GLN B 244 -0.52 12.87 -12.98
C GLN B 244 -0.40 13.51 -14.36
N GLU B 245 -0.45 12.66 -15.38
CA GLU B 245 -0.16 13.08 -16.75
C GLU B 245 -1.29 13.86 -17.39
N ALA B 246 -2.53 13.41 -17.17
CA ALA B 246 -3.71 13.99 -17.78
C ALA B 246 -3.54 14.23 -19.29
N ALA B 247 -2.95 13.25 -19.96
CA ALA B 247 -2.71 13.36 -21.40
C ALA B 247 -4.04 13.19 -22.14
N PRO B 248 -4.37 14.10 -23.06
CA PRO B 248 -5.65 13.94 -23.76
C PRO B 248 -5.70 12.67 -24.59
N SER B 249 -6.81 11.94 -24.55
CA SER B 249 -6.98 10.75 -25.38
C SER B 249 -7.31 11.16 -26.80
N GLN B 250 -6.56 10.66 -27.78
CA GLN B 250 -6.74 11.02 -29.19
C GLN B 250 -7.67 10.07 -29.95
N ALA B 251 -8.08 8.98 -29.30
CA ALA B 251 -9.03 8.05 -29.90
C ALA B 251 -9.68 7.20 -28.80
N ASP B 252 -10.62 6.34 -29.17
CA ASP B 252 -11.28 5.44 -28.21
C ASP B 252 -10.36 4.33 -27.69
N VAL B 253 -9.34 3.97 -28.49
CA VAL B 253 -8.47 2.86 -28.16
C VAL B 253 -6.99 3.18 -28.36
N ALA B 254 -6.20 2.88 -27.32
CA ALA B 254 -4.74 2.91 -27.38
C ALA B 254 -4.26 1.48 -27.55
N LEU B 255 -3.52 1.23 -28.63
CA LEU B 255 -2.85 -0.04 -28.82
C LEU B 255 -1.63 -0.10 -27.89
N ILE B 256 -1.56 -1.15 -27.09
CA ILE B 256 -0.42 -1.34 -26.18
C ILE B 256 0.20 -2.71 -26.44
N ARG B 257 1.50 -2.81 -26.23
CA ARG B 257 2.23 -4.04 -26.48
C ARG B 257 3.01 -4.45 -25.25
N TYR B 258 2.96 -5.74 -24.91
CA TYR B 258 3.78 -6.27 -23.82
C TYR B 258 5.11 -6.67 -24.43
N VAL B 259 6.16 -5.96 -24.04
CA VAL B 259 7.49 -6.14 -24.65
C VAL B 259 8.48 -6.73 -23.66
N ASN B 260 9.40 -7.52 -24.19
CA ASN B 260 10.53 -8.02 -23.42
C ASN B 260 11.74 -7.19 -23.80
N PRO B 261 12.18 -6.29 -22.90
CA PRO B 261 13.32 -5.43 -23.23
C PRO B 261 14.65 -6.17 -23.38
N ASP B 262 14.75 -7.37 -22.80
CA ASP B 262 15.95 -8.21 -22.93
C ASP B 262 16.12 -8.71 -24.37
N THR B 263 15.04 -9.19 -24.96
CA THR B 263 15.04 -9.71 -26.33
C THR B 263 14.59 -8.67 -27.38
N GLY B 264 13.88 -7.64 -26.93
CA GLY B 264 13.33 -6.63 -27.85
C GLY B 264 12.04 -7.04 -28.55
N ARG B 265 11.51 -8.22 -28.23
CA ARG B 265 10.33 -8.75 -28.90
C ARG B 265 9.03 -8.35 -28.20
N THR B 266 7.96 -8.27 -28.98
CA THR B 266 6.62 -8.09 -28.47
C THR B 266 6.02 -9.48 -28.21
N LEU B 267 5.55 -9.73 -27.00
CA LEU B 267 4.92 -11.01 -26.67
C LEU B 267 3.47 -11.05 -27.11
N PHE B 268 2.75 -9.98 -26.86
CA PHE B 268 1.37 -9.86 -27.32
C PHE B 268 0.95 -8.41 -27.30
N GLU B 269 -0.16 -8.12 -27.97
CA GLU B 269 -0.71 -6.77 -27.98
C GLU B 269 -2.11 -6.78 -27.40
N ALA B 270 -2.56 -5.60 -26.99
CA ALA B 270 -3.86 -5.45 -26.36
C ALA B 270 -4.40 -4.06 -26.66
N LYS B 271 -5.69 -3.89 -26.43
CA LYS B 271 -6.37 -2.61 -26.56
C LYS B 271 -6.59 -2.02 -25.17
N LEU B 272 -6.07 -0.81 -24.96
CA LEU B 272 -6.34 -0.06 -23.74
C LEU B 272 -7.41 0.97 -24.06
N HIS B 273 -8.60 0.79 -23.52
CA HIS B 273 -9.74 1.63 -23.87
C HIS B 273 -9.73 2.94 -23.11
N ARG B 274 -10.27 3.98 -23.73
CA ARG B 274 -10.26 5.33 -23.15
C ARG B 274 -10.84 5.40 -21.74
N SER B 275 -11.88 4.61 -21.48
CA SER B 275 -12.51 4.56 -20.16
C SER B 275 -11.70 3.86 -19.08
N GLY B 276 -10.60 3.21 -19.45
CA GLY B 276 -9.67 2.65 -18.49
C GLY B 276 -9.85 1.17 -18.23
N PHE B 277 -9.71 0.37 -19.30
CA PHE B 277 -9.68 -1.08 -19.19
C PHE B 277 -9.05 -1.68 -20.44
N ILE B 278 -8.66 -2.96 -20.35
CA ILE B 278 -7.91 -3.63 -21.40
C ILE B 278 -8.67 -4.82 -21.97
N THR B 279 -8.60 -4.99 -23.29
CA THR B 279 -9.04 -6.23 -23.91
C THR B 279 -7.92 -6.87 -24.72
N VAL B 280 -8.00 -8.19 -24.85
CA VAL B 280 -7.08 -8.97 -25.65
C VAL B 280 -7.87 -9.86 -26.58
N SER B 281 -7.23 -10.31 -27.66
CA SER B 281 -7.84 -11.29 -28.55
C SER B 281 -7.56 -12.71 -28.02
N HIS B 282 -8.53 -13.26 -27.31
CA HIS B 282 -8.45 -14.63 -26.80
C HIS B 282 -9.84 -15.13 -26.42
N THR B 283 -10.00 -16.44 -26.45
CA THR B 283 -11.26 -17.09 -26.05
C THR B 283 -10.93 -18.15 -25.02
N GLY B 284 -11.55 -18.06 -23.85
CA GLY B 284 -11.28 -18.98 -22.74
C GLY B 284 -10.68 -18.31 -21.53
N ALA B 285 -10.89 -18.92 -20.37
CA ALA B 285 -10.22 -18.51 -19.14
C ALA B 285 -8.75 -18.90 -19.26
N TYR B 286 -7.85 -17.93 -19.09
CA TYR B 286 -6.43 -18.19 -19.31
C TYR B 286 -5.52 -17.27 -18.51
N PRO B 287 -4.67 -17.86 -17.64
CA PRO B 287 -3.61 -17.10 -16.97
C PRO B 287 -2.38 -16.94 -17.86
N LEU B 288 -1.95 -15.70 -18.07
CA LEU B 288 -0.82 -15.43 -18.96
C LEU B 288 0.49 -15.73 -18.25
N VAL B 289 1.46 -16.23 -18.99
CA VAL B 289 2.84 -16.33 -18.50
C VAL B 289 3.63 -15.24 -19.22
N VAL B 290 4.18 -14.30 -18.47
CA VAL B 290 4.96 -13.20 -19.03
C VAL B 290 6.35 -13.21 -18.42
N PRO B 291 7.37 -12.76 -19.18
CA PRO B 291 8.72 -12.77 -18.64
C PRO B 291 8.86 -11.75 -17.51
N PRO B 292 9.70 -12.04 -16.50
CA PRO B 292 9.80 -11.19 -15.32
C PRO B 292 10.17 -9.74 -15.62
N ASN B 293 10.96 -9.51 -16.66
CA ASN B 293 11.40 -8.15 -17.01
C ASN B 293 10.52 -7.46 -18.05
N GLY B 294 9.44 -8.12 -18.47
CA GLY B 294 8.55 -7.57 -19.48
C GLY B 294 7.65 -6.47 -18.95
N HIS B 295 7.12 -5.66 -19.84
CA HIS B 295 6.16 -4.61 -19.47
C HIS B 295 5.36 -4.12 -20.64
N PHE B 296 4.18 -3.56 -20.36
CA PHE B 296 3.37 -2.93 -21.38
C PHE B 296 4.00 -1.61 -21.79
N ARG B 297 3.87 -1.27 -23.07
CA ARG B 297 4.23 0.05 -23.55
C ARG B 297 3.17 0.53 -24.53
N PHE B 298 2.91 1.83 -24.51
CA PHE B 298 2.00 2.45 -25.47
C PHE B 298 2.61 2.45 -26.86
N ASP B 299 1.83 2.01 -27.85
CA ASP B 299 2.28 1.98 -29.23
C ASP B 299 1.71 3.15 -30.02
N SER B 300 0.39 3.23 -30.08
CA SER B 300 -0.29 4.19 -30.93
C SER B 300 -1.80 4.21 -30.66
N TRP B 301 -2.44 5.29 -31.08
CA TRP B 301 -3.89 5.40 -31.06
C TRP B 301 -4.41 4.71 -32.31
N VAL B 302 -5.44 3.88 -32.14
CA VAL B 302 -5.96 3.13 -33.28
C VAL B 302 -7.42 3.32 -33.57
N ASN B 303 -7.78 2.99 -34.81
CA ASN B 303 -9.14 2.91 -35.27
C ASN B 303 -9.94 1.94 -34.37
N GLN B 304 -11.19 2.28 -34.06
CA GLN B 304 -11.98 1.50 -33.07
C GLN B 304 -12.25 0.04 -33.47
N PHE B 305 -12.12 -0.27 -34.75
CA PHE B 305 -12.34 -1.62 -35.29
C PHE B 305 -11.03 -2.40 -35.51
N TYR B 306 -9.92 -1.85 -35.03
CA TYR B 306 -8.60 -2.49 -35.09
C TYR B 306 -8.67 -3.97 -34.64
N SER B 307 -8.11 -4.84 -35.45
CA SER B 307 -8.07 -6.27 -35.15
C SER B 307 -6.73 -6.62 -34.52
N LEU B 308 -6.76 -7.07 -33.26
CA LEU B 308 -5.56 -7.47 -32.55
C LEU B 308 -5.00 -8.77 -33.08
N ALA B 309 -3.68 -8.89 -33.11
CA ALA B 309 -3.04 -10.20 -33.26
C ALA B 309 -3.49 -11.08 -32.10
N PRO B 310 -3.94 -12.32 -32.38
CA PRO B 310 -4.35 -13.21 -31.29
C PRO B 310 -3.29 -13.32 -30.19
N MET B 311 -3.74 -13.18 -28.95
CA MET B 311 -2.85 -13.18 -27.79
C MET B 311 -2.11 -14.50 -27.74
N GLY B 312 -2.85 -15.60 -27.90
CA GLY B 312 -2.24 -16.91 -28.01
C GLY B 312 -1.68 -17.40 -26.69
N THR B 313 -1.09 -18.58 -26.71
CA THR B 313 -0.50 -19.20 -25.51
C THR B 313 1.02 -19.19 -25.59
C1 NAG C . 10.64 -12.26 29.74
C2 NAG C . 10.72 -11.33 28.53
C3 NAG C . 11.80 -11.67 27.61
C4 NAG C . 13.05 -11.86 28.24
C5 NAG C . 12.95 -12.85 29.41
C6 NAG C . 14.21 -13.03 30.14
C7 NAG C . 8.50 -10.16 27.85
C8 NAG C . 7.21 -10.26 27.16
N2 NAG C . 9.39 -11.37 27.86
O1 NAG C . 9.69 -11.76 30.65
O3 NAG C . 11.92 -10.58 26.58
O4 NAG C . 14.02 -12.35 27.26
O5 NAG C . 11.88 -12.44 30.35
O6 NAG C . 14.85 -11.90 30.62
O7 NAG C . 8.85 -9.12 28.40
C1 GAL C . 11.40 -10.91 25.32
C2 GAL C . 11.24 -9.64 24.49
C3 GAL C . 10.94 -9.89 23.08
C4 GAL C . 11.83 -10.87 22.47
C5 GAL C . 11.86 -12.13 23.29
C6 GAL C . 12.77 -13.13 22.73
O2 GAL C . 10.25 -8.86 25.06
O3 GAL C . 10.94 -8.64 22.35
O4 GAL C . 13.13 -10.36 22.33
O5 GAL C . 12.23 -11.87 24.70
O6 GAL C . 12.72 -14.43 23.29
C1 FUC C . 15.31 -11.76 27.34
C2 FUC C . 16.29 -12.65 26.56
C3 FUC C . 15.99 -12.59 25.12
C4 FUC C . 16.11 -11.26 24.64
C5 FUC C . 15.24 -10.26 25.42
C6 FUC C . 15.53 -8.86 25.08
O2 FUC C . 16.18 -13.97 27.02
O3 FUC C . 16.83 -13.51 24.39
O4 FUC C . 17.50 -10.86 24.69
O5 FUC C . 15.30 -10.43 26.88
C1 NAG D . -27.29 -16.16 11.98
C2 NAG D . -26.41 -15.69 10.83
C3 NAG D . -26.89 -14.42 10.31
C4 NAG D . -28.28 -14.36 10.00
C5 NAG D . -29.18 -15.08 11.04
C6 NAG D . -30.55 -15.37 10.57
C7 NAG D . -23.99 -16.48 10.87
C8 NAG D . -22.71 -16.28 11.53
N2 NAG D . -25.05 -15.60 11.35
O1 NAG D . -26.72 -17.32 12.45
O3 NAG D . -26.01 -14.10 9.15
O4 NAG D . -28.67 -12.99 9.89
O5 NAG D . -28.57 -16.31 11.50
O6 NAG D . -30.72 -16.27 9.57
O7 NAG D . -24.17 -17.32 10.02
C1 GAL D . -25.10 -13.06 9.36
C2 GAL D . -24.14 -13.00 8.17
C3 GAL D . -23.38 -11.76 8.12
C4 GAL D . -24.18 -10.55 8.35
C5 GAL D . -25.01 -10.68 9.58
C6 GAL D . -25.84 -9.55 9.95
O2 GAL D . -23.34 -14.07 8.10
O3 GAL D . -22.61 -11.67 6.95
O4 GAL D . -24.98 -10.29 7.28
O5 GAL D . -25.79 -11.90 9.59
O6 GAL D . -26.40 -9.67 11.22
C1 FUC D . -29.65 -12.84 8.90
C2 FUC D . -30.37 -11.51 9.10
C3 FUC D . -29.45 -10.42 8.80
C4 FUC D . -28.88 -10.48 7.50
C5 FUC D . -28.20 -11.82 7.25
C6 FUC D . -27.82 -11.99 5.89
O2 FUC D . -30.81 -11.43 10.40
O3 FUC D . -30.14 -9.19 8.95
O4 FUC D . -29.93 -10.36 6.54
O5 FUC D . -29.09 -12.90 7.63
C1 GOL E . 15.34 12.55 14.04
O1 GOL E . 16.48 13.28 14.48
C2 GOL E . 14.10 13.43 14.14
O2 GOL E . 13.78 13.60 15.53
C3 GOL E . 12.92 12.81 13.40
O3 GOL E . 12.55 11.55 13.97
C1 GOL F . -12.36 -12.41 -13.87
O1 GOL F . -12.71 -12.40 -12.50
C2 GOL F . -13.46 -13.01 -14.74
O2 GOL F . -13.67 -14.37 -14.39
C3 GOL F . -14.76 -12.24 -14.59
O3 GOL F . -15.68 -12.57 -15.65
#